data_2R0H
#
_entry.id   2R0H
#
_cell.length_a   47.900
_cell.length_b   59.700
_cell.length_c   60.200
_cell.angle_alpha   73.00
_cell.angle_beta   90.70
_cell.angle_gamma   76.40
#
_symmetry.space_group_name_H-M   'P 1'
#
loop_
_entity.id
_entity.type
_entity.pdbx_description
1 polymer 'CGL3 lectin'
2 branched 2-acetamido-2-deoxy-beta-D-glucopyranose-(1-4)-2-acetamido-2-deoxy-beta-D-glucopyranose-(1-4)-2-acetamido-2-deoxy-beta-D-glucopyranose
3 water water
#
_entity_poly.entity_id   1
_entity_poly.type   'polypeptide(L)'
_entity_poly.pdbx_seq_one_letter_code
;MFHILRLESTVDLSEPLKDNGIIVFQSDKLDLEPSPNLGPTGIDNTNVNLINAKGDVLLHIGIRRRENAFVFNSIPYGES
RGPEERIPLEGTFGDRRDPSITIFDHPDRYQIMIDYKTVYYYKKRLEGRCEKVSYKINEGQTPPFSDVLGVTVLYFANVM
PRAN
;
_entity_poly.pdbx_strand_id   A,B,C,D
#
loop_
_chem_comp.id
_chem_comp.type
_chem_comp.name
_chem_comp.formula
NAG D-saccharide, beta linking 2-acetamido-2-deoxy-beta-D-glucopyranose 'C8 H15 N O6'
#
# COMPACT_ATOMS: atom_id res chain seq x y z
N MET A 1 13.05 4.97 4.12
CA MET A 1 13.48 5.34 2.74
C MET A 1 13.97 4.10 2.00
N PHE A 2 14.38 4.34 0.77
CA PHE A 2 14.91 3.30 -0.09
C PHE A 2 16.43 3.39 -0.16
N HIS A 3 17.08 2.23 -0.21
CA HIS A 3 18.51 2.14 -0.27
C HIS A 3 18.95 1.07 -1.26
N ILE A 4 20.06 1.33 -1.96
CA ILE A 4 20.65 0.38 -2.90
C ILE A 4 21.71 -0.32 -2.02
N LEU A 5 21.60 -1.64 -1.90
CA LEU A 5 22.52 -2.43 -1.10
C LEU A 5 23.30 -3.39 -1.98
N ARG A 6 24.54 -3.02 -2.32
CA ARG A 6 25.40 -3.84 -3.19
C ARG A 6 26.01 -5.01 -2.46
N LEU A 7 26.08 -6.16 -3.10
CA LEU A 7 26.70 -7.33 -2.47
C LEU A 7 28.07 -6.96 -1.92
N GLU A 8 28.37 -7.40 -0.71
CA GLU A 8 29.64 -7.05 -0.07
C GLU A 8 29.77 -5.62 0.34
N SER A 9 28.71 -5.06 0.90
CA SER A 9 28.76 -3.68 1.36
C SER A 9 27.79 -3.50 2.49
N THR A 10 27.90 -2.36 3.18
CA THR A 10 27.06 -1.99 4.30
C THR A 10 26.49 -0.61 3.96
N VAL A 11 25.20 -0.42 4.21
CA VAL A 11 24.59 0.88 3.90
C VAL A 11 24.03 1.39 5.20
N ASP A 12 24.21 2.67 5.43
CA ASP A 12 23.71 3.32 6.64
C ASP A 12 22.25 3.74 6.44
N LEU A 13 21.41 3.52 7.45
CA LEU A 13 20.03 3.94 7.34
C LEU A 13 20.10 5.46 7.60
N SER A 14 19.07 6.22 7.25
CA SER A 14 19.07 7.67 7.47
C SER A 14 18.98 8.00 8.94
N GLU A 15 18.30 7.14 9.67
CA GLU A 15 18.13 7.32 11.10
C GLU A 15 17.96 5.93 11.70
N PRO A 16 18.11 5.84 13.02
CA PRO A 16 17.95 4.52 13.67
C PRO A 16 16.56 4.03 13.38
N LEU A 17 16.40 2.71 13.28
CA LEU A 17 15.09 2.13 13.00
C LEU A 17 14.24 2.30 14.25
N LYS A 18 13.09 2.92 14.12
CA LYS A 18 12.24 3.10 15.28
C LYS A 18 11.43 1.85 15.61
N ASP A 19 10.78 1.86 16.78
CA ASP A 19 10.03 0.68 17.20
C ASP A 19 9.07 0.29 16.10
N ASN A 20 8.98 -1.02 15.89
CA ASN A 20 8.10 -1.55 14.87
C ASN A 20 8.45 -1.16 13.45
N GLY A 21 9.70 -0.78 13.20
CA GLY A 21 10.07 -0.44 11.85
C GLY A 21 10.06 -1.75 11.04
N ILE A 22 10.00 -1.63 9.73
CA ILE A 22 9.97 -2.82 8.84
C ILE A 22 11.11 -2.64 7.83
N ILE A 23 11.90 -3.69 7.57
CA ILE A 23 12.98 -3.56 6.60
C ILE A 23 12.77 -4.61 5.52
N VAL A 24 12.61 -4.18 4.28
CA VAL A 24 12.40 -5.14 3.19
C VAL A 24 13.64 -5.21 2.28
N PHE A 25 14.20 -6.41 2.14
CA PHE A 25 15.38 -6.67 1.26
C PHE A 25 14.80 -7.31 0.00
N GLN A 26 14.91 -6.60 -1.10
CA GLN A 26 14.40 -7.07 -2.38
C GLN A 26 15.47 -7.42 -3.41
N SER A 27 15.30 -8.60 -4.01
CA SER A 27 16.21 -9.10 -5.03
C SER A 27 15.37 -9.22 -6.31
N ASP A 28 16.00 -9.23 -7.48
CA ASP A 28 15.18 -9.39 -8.68
C ASP A 28 15.38 -10.79 -9.22
N LYS A 29 16.10 -11.63 -8.48
CA LYS A 29 16.29 -12.98 -8.99
C LYS A 29 16.38 -13.95 -7.82
N LEU A 30 16.22 -15.23 -8.13
CA LEU A 30 16.27 -16.27 -7.12
C LEU A 30 16.96 -17.45 -7.75
N ASP A 31 18.01 -17.94 -7.09
CA ASP A 31 18.74 -19.11 -7.59
C ASP A 31 19.05 -19.91 -6.35
N LEU A 32 18.27 -20.95 -6.14
CA LEU A 32 18.45 -21.80 -4.98
C LEU A 32 19.49 -22.91 -5.15
N GLU A 33 20.02 -23.05 -6.36
CA GLU A 33 21.05 -24.06 -6.63
C GLU A 33 22.28 -23.54 -5.91
N PRO A 34 23.04 -24.41 -5.26
CA PRO A 34 24.23 -23.89 -4.55
C PRO A 34 25.25 -23.22 -5.48
N SER A 35 25.99 -22.29 -4.91
CA SER A 35 27.00 -21.58 -5.66
C SER A 35 27.94 -22.59 -6.33
N PRO A 36 28.07 -22.54 -7.69
CA PRO A 36 28.97 -23.49 -8.34
C PRO A 36 30.34 -23.46 -7.66
N ASN A 37 30.82 -22.28 -7.28
CA ASN A 37 32.08 -22.18 -6.57
C ASN A 37 31.90 -22.07 -5.07
N LEU A 38 32.40 -23.06 -4.36
CA LEU A 38 32.34 -23.09 -2.92
C LEU A 38 33.37 -22.16 -2.32
N GLY A 39 34.52 -22.11 -2.95
CA GLY A 39 35.59 -21.26 -2.43
C GLY A 39 36.24 -21.85 -1.17
N PRO A 40 37.27 -21.16 -0.67
CA PRO A 40 38.09 -21.50 0.48
C PRO A 40 37.41 -21.63 1.85
N THR A 41 36.22 -21.07 2.06
CA THR A 41 35.56 -21.17 3.38
C THR A 41 34.87 -22.51 3.65
N GLY A 42 34.58 -23.23 2.58
CA GLY A 42 33.92 -24.51 2.69
C GLY A 42 32.44 -24.42 3.09
N ILE A 43 31.92 -23.20 3.22
CA ILE A 43 30.50 -22.98 3.60
C ILE A 43 29.77 -22.04 2.62
N ASP A 44 28.74 -22.55 1.91
CA ASP A 44 27.95 -21.75 0.93
C ASP A 44 27.09 -20.82 1.83
N ASN A 45 27.51 -19.57 1.89
CA ASN A 45 26.84 -18.61 2.76
C ASN A 45 26.71 -17.18 2.24
N THR A 46 25.46 -16.77 2.03
CA THR A 46 25.09 -15.44 1.57
C THR A 46 24.18 -14.97 2.70
N ASN A 47 24.41 -13.76 3.18
CA ASN A 47 23.64 -13.25 4.30
C ASN A 47 23.33 -11.76 4.26
N VAL A 48 22.28 -11.37 4.98
CA VAL A 48 21.91 -9.96 5.16
C VAL A 48 21.97 -9.76 6.66
N ASN A 49 22.17 -8.54 7.12
CA ASN A 49 22.31 -8.38 8.56
C ASN A 49 21.80 -7.02 8.97
N LEU A 50 21.25 -6.94 10.17
CA LEU A 50 20.81 -5.68 10.76
C LEU A 50 21.83 -5.31 11.83
N ILE A 51 22.46 -4.16 11.66
CA ILE A 51 23.55 -3.77 12.56
C ILE A 51 23.21 -2.52 13.39
N ASN A 52 23.75 -2.43 14.60
CA ASN A 52 23.53 -1.24 15.44
C ASN A 52 24.67 -0.27 15.28
N ALA A 53 24.59 0.86 15.98
CA ALA A 53 25.66 1.85 15.89
C ALA A 53 27.04 1.30 16.20
N LYS A 54 27.12 0.51 17.28
CA LYS A 54 28.36 -0.10 17.74
C LYS A 54 28.98 -1.10 16.78
N GLY A 55 28.17 -1.63 15.87
CA GLY A 55 28.70 -2.59 14.92
C GLY A 55 28.24 -4.01 15.18
N ASP A 56 27.44 -4.19 16.23
CA ASP A 56 26.94 -5.50 16.57
C ASP A 56 25.91 -5.92 15.53
N VAL A 57 25.88 -7.20 15.18
CA VAL A 57 24.90 -7.69 14.24
C VAL A 57 23.72 -8.14 15.10
N LEU A 58 22.69 -7.31 15.13
CA LEU A 58 21.47 -7.54 15.91
C LEU A 58 20.78 -8.79 15.40
N LEU A 59 20.80 -8.92 14.08
CA LEU A 59 20.18 -10.05 13.41
C LEU A 59 20.94 -10.36 12.13
N HIS A 60 21.36 -11.62 12.01
CA HIS A 60 22.08 -12.15 10.86
C HIS A 60 21.10 -13.14 10.24
N ILE A 61 20.90 -13.03 8.93
CA ILE A 61 20.01 -13.94 8.22
C ILE A 61 20.86 -14.56 7.13
N GLY A 62 21.22 -15.81 7.31
CA GLY A 62 22.04 -16.49 6.34
C GLY A 62 21.28 -17.55 5.56
N ILE A 63 21.56 -17.62 4.28
CA ILE A 63 20.93 -18.60 3.40
C ILE A 63 21.99 -19.67 3.15
N ARG A 64 21.69 -20.93 3.44
CA ARG A 64 22.64 -22.00 3.24
C ARG A 64 22.11 -23.03 2.27
N ARG A 65 22.46 -22.87 1.02
CA ARG A 65 21.95 -23.72 -0.01
C ARG A 65 22.40 -25.18 0.05
N ARG A 66 23.61 -25.40 0.53
CA ARG A 66 24.15 -26.74 0.66
C ARG A 66 23.69 -27.42 1.95
N GLU A 67 23.09 -26.66 2.85
CA GLU A 67 22.68 -27.18 4.13
C GLU A 67 21.17 -27.21 4.25
N ASN A 68 20.46 -26.70 3.24
CA ASN A 68 19.00 -26.67 3.23
C ASN A 68 18.49 -25.90 4.44
N ALA A 69 19.09 -24.74 4.70
CA ALA A 69 18.62 -24.01 5.83
C ALA A 69 18.91 -22.54 5.87
N PHE A 70 18.15 -21.87 6.73
CA PHE A 70 18.31 -20.47 7.05
C PHE A 70 18.99 -20.50 8.40
N VAL A 71 19.93 -19.59 8.61
CA VAL A 71 20.64 -19.55 9.87
C VAL A 71 20.38 -18.18 10.43
N PHE A 72 19.85 -18.11 11.65
CA PHE A 72 19.60 -16.81 12.28
C PHE A 72 20.55 -16.68 13.47
N ASN A 73 21.13 -15.50 13.72
CA ASN A 73 22.02 -15.41 14.85
C ASN A 73 22.27 -13.92 15.10
N SER A 74 23.02 -13.64 16.15
CA SER A 74 23.38 -12.27 16.55
C SER A 74 24.89 -12.33 16.79
N ILE A 75 25.61 -11.33 16.32
CA ILE A 75 27.04 -11.35 16.51
C ILE A 75 27.59 -10.04 17.05
N PRO A 76 28.03 -10.02 18.31
CA PRO A 76 28.58 -8.77 18.86
C PRO A 76 29.82 -8.34 18.07
N TYR A 77 30.02 -7.03 17.95
CA TYR A 77 31.15 -6.45 17.21
C TYR A 77 32.50 -6.98 17.64
N GLY A 78 33.19 -7.63 16.71
CA GLY A 78 34.51 -8.21 16.94
C GLY A 78 34.53 -9.48 17.77
N GLU A 79 33.36 -10.03 18.11
CA GLU A 79 33.27 -11.24 18.93
C GLU A 79 32.72 -12.39 18.10
N SER A 80 32.65 -13.58 18.68
CA SER A 80 32.14 -14.68 17.91
C SER A 80 30.60 -14.79 17.92
N ARG A 81 30.08 -15.63 17.03
CA ARG A 81 28.66 -15.84 16.92
C ARG A 81 28.04 -16.45 18.18
N GLY A 82 26.74 -16.26 18.36
CA GLY A 82 25.99 -16.91 19.43
C GLY A 82 25.54 -18.26 18.93
N PRO A 83 24.59 -18.90 19.62
CA PRO A 83 24.12 -20.19 19.10
C PRO A 83 23.24 -19.92 17.86
N GLU A 84 23.26 -20.82 16.88
CA GLU A 84 22.45 -20.61 15.68
C GLU A 84 21.04 -21.09 15.82
N GLU A 85 20.11 -20.38 15.19
CA GLU A 85 18.73 -20.82 15.16
C GLU A 85 18.43 -21.10 13.71
N ARG A 86 18.08 -22.34 13.38
CA ARG A 86 17.91 -22.73 11.99
C ARG A 86 16.52 -23.25 11.64
N ILE A 87 16.10 -23.04 10.40
CA ILE A 87 14.81 -23.54 9.92
C ILE A 87 15.14 -24.09 8.54
N PRO A 88 14.36 -25.05 8.05
CA PRO A 88 14.69 -25.57 6.72
C PRO A 88 14.54 -24.44 5.70
N LEU A 89 15.30 -24.53 4.60
CA LEU A 89 15.26 -23.53 3.54
C LEU A 89 14.18 -23.81 2.50
N GLU A 90 14.02 -25.08 2.17
CA GLU A 90 13.03 -25.48 1.18
C GLU A 90 11.63 -25.06 1.61
N GLY A 91 10.82 -24.68 0.64
CA GLY A 91 9.45 -24.29 0.88
C GLY A 91 9.28 -22.88 1.37
N THR A 92 10.31 -22.06 1.27
CA THR A 92 10.22 -20.66 1.68
C THR A 92 10.14 -19.71 0.48
N PHE A 93 11.12 -19.80 -0.41
CA PHE A 93 11.13 -19.00 -1.62
C PHE A 93 10.39 -19.75 -2.73
N GLY A 94 10.21 -19.10 -3.87
CA GLY A 94 9.60 -19.74 -5.03
C GLY A 94 8.48 -18.98 -5.69
N ASP A 95 7.53 -18.50 -4.89
CA ASP A 95 6.35 -17.82 -5.42
C ASP A 95 6.65 -16.48 -6.08
N ARG A 96 7.90 -16.04 -5.99
CA ARG A 96 8.30 -14.75 -6.51
C ARG A 96 9.65 -14.88 -7.23
N ARG A 97 9.74 -14.41 -8.47
CA ARG A 97 10.99 -14.48 -9.22
C ARG A 97 11.86 -13.37 -8.64
N ASP A 98 11.23 -12.54 -7.84
CA ASP A 98 11.86 -11.40 -7.18
C ASP A 98 11.61 -11.54 -5.68
N PRO A 99 12.36 -12.42 -5.03
CA PRO A 99 12.22 -12.72 -3.62
C PRO A 99 12.51 -11.57 -2.69
N SER A 100 11.89 -11.59 -1.54
CA SER A 100 12.12 -10.53 -0.56
C SER A 100 12.23 -11.15 0.81
N ILE A 101 12.99 -10.50 1.66
CA ILE A 101 13.16 -10.95 3.03
C ILE A 101 12.75 -9.72 3.80
N THR A 102 11.68 -9.83 4.58
CA THR A 102 11.20 -8.70 5.38
C THR A 102 11.36 -9.00 6.86
N ILE A 103 11.85 -8.05 7.62
CA ILE A 103 11.92 -8.14 9.04
C ILE A 103 11.10 -7.03 9.68
N PHE A 104 10.21 -7.44 10.55
CA PHE A 104 9.37 -6.52 11.28
C PHE A 104 9.91 -6.45 12.70
N ASP A 105 10.22 -5.24 13.15
CA ASP A 105 10.69 -5.09 14.53
C ASP A 105 9.56 -5.22 15.53
N HIS A 106 9.83 -5.89 16.64
CA HIS A 106 8.86 -6.00 17.74
C HIS A 106 9.76 -5.78 18.99
N PRO A 107 9.17 -5.49 20.14
CA PRO A 107 9.89 -5.23 21.40
C PRO A 107 11.03 -6.19 21.76
N ASP A 108 10.77 -7.50 21.75
CA ASP A 108 11.78 -8.50 22.10
C ASP A 108 12.06 -9.50 21.00
N ARG A 109 11.55 -9.28 19.79
CA ARG A 109 11.82 -10.23 18.71
C ARG A 109 11.66 -9.66 17.34
N TYR A 110 12.24 -10.34 16.35
CA TYR A 110 12.15 -9.94 14.97
C TYR A 110 11.26 -10.95 14.29
N GLN A 111 10.32 -10.46 13.49
CA GLN A 111 9.45 -11.32 12.73
C GLN A 111 10.05 -11.38 11.35
N ILE A 112 10.39 -12.58 10.89
CA ILE A 112 11.06 -12.66 9.59
C ILE A 112 10.15 -13.31 8.58
N MET A 113 9.97 -12.63 7.44
CA MET A 113 9.11 -13.10 6.36
C MET A 113 9.87 -13.30 5.06
N ILE A 114 9.45 -14.29 4.28
CA ILE A 114 10.09 -14.58 3.00
C ILE A 114 8.90 -14.43 2.05
N ASP A 115 9.03 -13.51 1.09
CA ASP A 115 7.94 -13.27 0.13
C ASP A 115 6.65 -12.93 0.90
N TYR A 116 6.82 -12.15 1.96
CA TYR A 116 5.73 -11.67 2.80
C TYR A 116 4.95 -12.72 3.59
N LYS A 117 5.51 -13.90 3.73
CA LYS A 117 4.93 -14.94 4.57
C LYS A 117 5.87 -15.15 5.74
N THR A 118 5.34 -15.14 6.95
CA THR A 118 6.22 -15.27 8.12
C THR A 118 6.82 -16.65 8.25
N VAL A 119 8.14 -16.71 8.41
CA VAL A 119 8.78 -17.99 8.55
C VAL A 119 9.39 -18.19 9.93
N TYR A 120 9.65 -17.11 10.65
CA TYR A 120 10.33 -17.24 11.94
C TYR A 120 10.21 -16.01 12.81
N TYR A 121 10.22 -16.24 14.12
CA TYR A 121 10.25 -15.19 15.12
C TYR A 121 11.55 -15.42 15.88
N TYR A 122 12.47 -14.45 15.81
CA TYR A 122 13.77 -14.55 16.45
C TYR A 122 13.85 -13.63 17.65
N LYS A 123 14.12 -14.19 18.82
CA LYS A 123 14.19 -13.42 20.05
C LYS A 123 15.43 -12.57 20.04
N LYS A 124 15.27 -11.28 20.30
CA LYS A 124 16.40 -10.36 20.32
C LYS A 124 17.39 -10.79 21.38
N ARG A 125 18.67 -10.56 21.11
CA ARG A 125 19.72 -10.93 22.03
C ARG A 125 20.64 -9.80 22.40
N LEU A 126 20.79 -8.81 21.51
CA LEU A 126 21.67 -7.70 21.79
C LEU A 126 20.92 -6.39 21.85
N GLU A 127 21.48 -5.42 22.57
CA GLU A 127 20.85 -4.11 22.70
C GLU A 127 21.16 -3.16 21.55
N GLY A 128 20.41 -2.07 21.46
CA GLY A 128 20.64 -1.05 20.43
C GLY A 128 19.73 -1.09 19.21
N ARG A 129 19.48 0.08 18.63
CA ARG A 129 18.62 0.14 17.45
C ARG A 129 19.41 -0.13 16.19
N CYS A 130 18.73 -0.69 15.18
CA CYS A 130 19.37 -0.98 13.90
C CYS A 130 19.67 0.34 13.20
N GLU A 131 20.91 0.52 12.75
CA GLU A 131 21.30 1.77 12.08
C GLU A 131 21.98 1.51 10.74
N LYS A 132 22.31 0.25 10.49
CA LYS A 132 22.97 -0.13 9.25
C LYS A 132 22.47 -1.50 8.82
N VAL A 133 22.61 -1.80 7.53
CA VAL A 133 22.27 -3.14 7.02
C VAL A 133 23.40 -3.57 6.12
N SER A 134 23.64 -4.88 6.00
CA SER A 134 24.72 -5.33 5.12
C SER A 134 24.22 -6.54 4.32
N TYR A 135 24.98 -6.87 3.29
CA TYR A 135 24.68 -7.96 2.39
C TYR A 135 26.05 -8.53 2.07
N LYS A 136 26.31 -9.72 2.59
CA LYS A 136 27.60 -10.33 2.45
C LYS A 136 27.56 -11.75 1.89
N ILE A 137 28.72 -12.20 1.46
CA ILE A 137 28.83 -13.55 0.92
C ILE A 137 30.25 -14.07 1.13
N ASN A 138 30.38 -15.38 1.33
CA ASN A 138 31.68 -16.00 1.52
C ASN A 138 32.51 -15.86 0.25
N GLU A 139 33.80 -15.69 0.44
CA GLU A 139 34.74 -15.52 -0.67
C GLU A 139 34.57 -16.46 -1.84
N GLY A 140 34.55 -15.88 -3.04
CA GLY A 140 34.43 -16.60 -4.31
C GLY A 140 33.14 -17.26 -4.70
N GLN A 141 32.07 -16.95 -3.99
CA GLN A 141 30.79 -17.54 -4.29
C GLN A 141 29.87 -16.56 -5.02
N THR A 142 28.76 -17.09 -5.53
CA THR A 142 27.74 -16.31 -6.22
C THR A 142 26.52 -16.45 -5.31
N PRO A 143 25.78 -15.36 -5.13
CA PRO A 143 24.62 -15.42 -4.24
C PRO A 143 23.34 -15.99 -4.84
N PRO A 144 22.35 -16.27 -3.96
CA PRO A 144 21.07 -16.79 -4.40
C PRO A 144 20.22 -15.62 -4.92
N PHE A 145 20.69 -14.40 -4.72
CA PHE A 145 19.90 -13.26 -5.18
C PHE A 145 20.71 -12.38 -6.15
N SER A 146 20.10 -11.29 -6.57
CA SER A 146 20.77 -10.36 -7.45
C SER A 146 21.97 -9.82 -6.67
N ASP A 147 23.01 -9.36 -7.36
CA ASP A 147 24.17 -8.84 -6.63
C ASP A 147 23.92 -7.47 -6.01
N VAL A 148 22.72 -6.97 -6.24
CA VAL A 148 22.30 -5.69 -5.69
C VAL A 148 20.89 -5.92 -5.20
N LEU A 149 20.60 -5.35 -4.05
CA LEU A 149 19.28 -5.46 -3.45
C LEU A 149 18.70 -4.08 -3.21
N GLY A 150 17.38 -4.01 -3.27
CA GLY A 150 16.67 -2.79 -2.95
C GLY A 150 16.22 -2.97 -1.54
N VAL A 151 16.57 -2.03 -0.67
CA VAL A 151 16.21 -2.17 0.75
C VAL A 151 15.32 -1.01 1.08
N THR A 152 14.14 -1.33 1.61
CA THR A 152 13.20 -0.30 1.96
C THR A 152 12.87 -0.34 3.43
N VAL A 153 13.02 0.80 4.09
CA VAL A 153 12.71 0.89 5.51
C VAL A 153 11.35 1.55 5.62
N LEU A 154 10.40 0.88 6.25
CA LEU A 154 9.08 1.45 6.37
C LEU A 154 8.38 1.18 7.69
N TYR A 155 7.25 1.82 7.87
CA TYR A 155 6.44 1.66 9.06
C TYR A 155 5.05 1.30 8.61
N PHE A 156 4.31 0.60 9.47
CA PHE A 156 2.93 0.26 9.16
C PHE A 156 2.18 1.47 8.65
N ALA A 157 2.35 2.61 9.33
CA ALA A 157 1.60 3.82 8.91
C ALA A 157 1.91 4.26 7.47
N ASN A 158 3.08 3.84 6.95
CA ASN A 158 3.51 4.16 5.58
C ASN A 158 2.74 3.36 4.54
N VAL A 159 2.29 2.16 4.93
CA VAL A 159 1.56 1.28 4.01
C VAL A 159 0.06 1.26 4.30
N MET A 160 -0.40 2.22 5.08
CA MET A 160 -1.81 2.34 5.41
C MET A 160 -2.24 3.81 5.31
N MET B 1 -10.14 -7.85 2.64
CA MET B 1 -11.60 -7.76 2.36
C MET B 1 -12.29 -6.81 3.30
N PHE B 2 -13.30 -6.13 2.78
CA PHE B 2 -14.06 -5.14 3.52
C PHE B 2 -15.42 -5.58 4.08
N HIS B 3 -15.76 -5.07 5.25
CA HIS B 3 -17.01 -5.39 5.89
C HIS B 3 -17.55 -4.17 6.60
N ILE B 4 -18.86 -4.02 6.61
CA ILE B 4 -19.53 -2.93 7.30
C ILE B 4 -19.88 -3.50 8.69
N LEU B 5 -19.45 -2.81 9.73
CA LEU B 5 -19.75 -3.28 11.07
C LEU B 5 -20.52 -2.23 11.83
N ARG B 6 -21.81 -2.49 12.05
CA ARG B 6 -22.64 -1.53 12.78
C ARG B 6 -22.52 -1.71 14.28
N LEU B 7 -22.63 -0.61 15.01
CA LEU B 7 -22.55 -0.64 16.47
C LEU B 7 -23.64 -1.59 17.00
N GLU B 8 -23.26 -2.43 17.95
CA GLU B 8 -24.17 -3.38 18.57
C GLU B 8 -24.50 -4.52 17.62
N SER B 9 -23.55 -4.85 16.76
CA SER B 9 -23.75 -5.99 15.84
C SER B 9 -22.49 -6.85 15.81
N THR B 10 -22.58 -8.02 15.18
CA THR B 10 -21.49 -8.96 15.08
C THR B 10 -21.49 -9.35 13.62
N VAL B 11 -20.32 -9.32 12.97
CA VAL B 11 -20.25 -9.70 11.56
C VAL B 11 -19.31 -10.87 11.35
N ASP B 12 -19.72 -11.81 10.52
CA ASP B 12 -18.88 -12.95 10.26
C ASP B 12 -17.77 -12.57 9.27
N LEU B 13 -16.58 -13.10 9.47
CA LEU B 13 -15.49 -12.81 8.55
C LEU B 13 -15.75 -13.80 7.41
N SER B 14 -15.09 -13.59 6.28
CA SER B 14 -15.29 -14.50 5.12
C SER B 14 -14.80 -15.93 5.35
N GLU B 15 -13.84 -16.08 6.26
CA GLU B 15 -13.24 -17.33 6.63
C GLU B 15 -12.47 -17.06 7.89
N PRO B 16 -12.04 -18.12 8.61
CA PRO B 16 -11.28 -17.89 9.82
C PRO B 16 -9.96 -17.16 9.48
N LEU B 17 -9.59 -16.20 10.33
CA LEU B 17 -8.40 -15.43 10.12
C LEU B 17 -7.16 -16.31 10.13
N LYS B 18 -6.38 -16.26 9.05
CA LYS B 18 -5.16 -17.06 8.94
C LYS B 18 -4.02 -16.44 9.72
N ASP B 19 -2.95 -17.21 9.92
CA ASP B 19 -1.79 -16.70 10.67
C ASP B 19 -1.36 -15.36 10.13
N ASN B 20 -1.09 -14.41 11.01
CA ASN B 20 -0.66 -13.09 10.56
C ASN B 20 -1.71 -12.24 9.86
N GLY B 21 -2.98 -12.59 10.07
CA GLY B 21 -4.06 -11.87 9.49
C GLY B 21 -4.04 -10.50 10.16
N ILE B 22 -4.45 -9.50 9.42
CA ILE B 22 -4.50 -8.14 9.95
C ILE B 22 -5.94 -7.67 9.89
N ILE B 23 -6.43 -7.14 10.99
CA ILE B 23 -7.80 -6.65 11.02
C ILE B 23 -7.79 -5.18 11.37
N VAL B 24 -8.34 -4.36 10.48
CA VAL B 24 -8.39 -2.91 10.72
C VAL B 24 -9.82 -2.41 10.93
N PHE B 25 -10.10 -1.83 12.09
CA PHE B 25 -11.41 -1.27 12.42
C PHE B 25 -11.28 0.22 12.17
N GLN B 26 -12.02 0.75 11.20
CA GLN B 26 -11.96 2.18 10.85
C GLN B 26 -13.20 2.98 11.23
N SER B 27 -12.99 4.15 11.84
CA SER B 27 -14.05 5.04 12.24
C SER B 27 -13.89 6.35 11.45
N ASP B 28 -14.98 7.03 11.16
CA ASP B 28 -14.81 8.29 10.46
C ASP B 28 -14.97 9.42 11.45
N LYS B 29 -14.96 9.08 12.74
CA LYS B 29 -15.10 10.14 13.75
C LYS B 29 -14.37 9.82 15.04
N LEU B 30 -13.99 10.86 15.77
CA LEU B 30 -13.31 10.64 17.03
C LEU B 30 -13.88 11.56 18.06
N ASP B 31 -14.36 11.02 19.18
CA ASP B 31 -14.91 11.85 20.26
C ASP B 31 -14.55 11.18 21.59
N LEU B 32 -13.45 11.65 22.19
CA LEU B 32 -12.96 11.09 23.47
C LEU B 32 -13.64 11.62 24.73
N GLU B 33 -14.51 12.60 24.59
CA GLU B 33 -15.23 13.12 25.76
C GLU B 33 -16.16 12.01 26.21
N PRO B 34 -16.27 11.80 27.54
CA PRO B 34 -17.14 10.73 28.00
C PRO B 34 -18.59 10.80 27.49
N SER B 35 -19.22 9.64 27.36
CA SER B 35 -20.61 9.58 26.89
C SER B 35 -21.42 10.42 27.87
N PRO B 36 -22.20 11.41 27.35
CA PRO B 36 -23.03 12.28 28.16
C PRO B 36 -23.98 11.46 29.04
N ASN B 37 -24.54 10.37 28.50
CA ASN B 37 -25.43 9.50 29.25
C ASN B 37 -24.60 8.29 29.64
N LEU B 38 -24.51 7.99 30.94
CA LEU B 38 -23.74 6.85 31.41
C LEU B 38 -24.59 5.56 31.46
N GLY B 39 -25.85 5.68 31.83
CA GLY B 39 -26.72 4.49 31.88
C GLY B 39 -26.54 3.65 33.12
N PRO B 40 -27.36 2.60 33.25
CA PRO B 40 -27.44 1.77 34.44
C PRO B 40 -26.18 0.97 34.74
N THR B 41 -25.31 0.84 33.75
CA THR B 41 -24.06 0.10 33.97
C THR B 41 -23.08 0.87 34.84
N GLY B 42 -23.06 2.19 34.70
CA GLY B 42 -22.15 2.98 35.50
C GLY B 42 -20.73 2.91 34.98
N ILE B 43 -20.56 2.27 33.81
CA ILE B 43 -19.25 2.11 33.19
C ILE B 43 -19.31 2.56 31.72
N ASP B 44 -18.57 3.62 31.37
CA ASP B 44 -18.53 4.17 30.01
C ASP B 44 -17.62 3.22 29.25
N ASN B 45 -18.26 2.37 28.45
CA ASN B 45 -17.63 1.27 27.74
C ASN B 45 -18.15 1.07 26.31
N THR B 46 -17.26 1.23 25.33
CA THR B 46 -17.52 0.95 23.93
C THR B 46 -16.41 -0.02 23.59
N ASN B 47 -16.73 -1.08 22.85
CA ASN B 47 -15.69 -2.07 22.55
C ASN B 47 -15.82 -2.79 21.21
N VAL B 48 -14.69 -3.29 20.72
CA VAL B 48 -14.68 -4.12 19.49
C VAL B 48 -14.13 -5.45 19.99
N ASN B 49 -14.52 -6.54 19.34
CA ASN B 49 -14.08 -7.86 19.79
C ASN B 49 -13.76 -8.79 18.65
N LEU B 50 -12.82 -9.69 18.87
CA LEU B 50 -12.52 -10.73 17.91
C LEU B 50 -13.08 -12.00 18.54
N ILE B 51 -13.91 -12.71 17.79
CA ILE B 51 -14.65 -13.84 18.33
C ILE B 51 -14.37 -15.11 17.53
N ASN B 52 -14.27 -16.25 18.22
CA ASN B 52 -14.07 -17.52 17.54
C ASN B 52 -15.41 -18.18 17.22
N ALA B 53 -15.36 -19.36 16.61
CA ALA B 53 -16.57 -20.07 16.24
C ALA B 53 -17.51 -20.42 17.41
N LYS B 54 -16.94 -20.70 18.57
CA LYS B 54 -17.73 -21.06 19.74
C LYS B 54 -18.35 -19.85 20.42
N GLY B 55 -18.01 -18.66 19.92
CA GLY B 55 -18.52 -17.41 20.47
C GLY B 55 -17.63 -16.84 21.56
N ASP B 56 -16.44 -17.42 21.73
CA ASP B 56 -15.50 -16.93 22.74
C ASP B 56 -14.90 -15.63 22.28
N VAL B 57 -14.73 -14.67 23.17
CA VAL B 57 -14.10 -13.40 22.78
C VAL B 57 -12.60 -13.62 22.98
N LEU B 58 -11.93 -13.86 21.87
CA LEU B 58 -10.50 -14.09 21.85
C LEU B 58 -9.79 -12.84 22.35
N LEU B 59 -10.27 -11.71 21.89
CA LEU B 59 -9.70 -10.42 22.28
C LEU B 59 -10.80 -9.38 22.36
N HIS B 60 -10.84 -8.69 23.49
CA HIS B 60 -11.79 -7.65 23.72
C HIS B 60 -10.99 -6.38 23.86
N ILE B 61 -11.36 -5.35 23.11
CA ILE B 61 -10.66 -4.07 23.17
C ILE B 61 -11.68 -3.05 23.58
N GLY B 62 -11.54 -2.54 24.79
CA GLY B 62 -12.48 -1.56 25.29
C GLY B 62 -11.87 -0.21 25.53
N ILE B 63 -12.63 0.83 25.20
CA ILE B 63 -12.22 2.22 25.36
C ILE B 63 -13.01 2.71 26.60
N ARG B 64 -12.29 3.25 27.58
CA ARG B 64 -12.94 3.73 28.80
C ARG B 64 -12.57 5.20 28.99
N ARG B 65 -13.36 6.09 28.39
CA ARG B 65 -13.13 7.52 28.47
C ARG B 65 -13.17 8.16 29.88
N ARG B 66 -13.78 7.49 30.84
CA ARG B 66 -13.85 8.06 32.22
C ARG B 66 -12.80 7.41 33.10
N GLU B 67 -12.06 6.45 32.54
CA GLU B 67 -11.05 5.72 33.29
C GLU B 67 -9.67 5.91 32.68
N ASN B 68 -9.61 6.71 31.61
CA ASN B 68 -8.35 6.98 30.91
C ASN B 68 -7.69 5.65 30.57
N ALA B 69 -8.40 4.77 29.90
CA ALA B 69 -7.73 3.56 29.63
C ALA B 69 -8.41 2.69 28.59
N PHE B 70 -7.61 1.81 28.00
CA PHE B 70 -8.05 0.74 27.11
C PHE B 70 -8.06 -0.47 28.02
N VAL B 71 -9.00 -1.38 27.80
CA VAL B 71 -9.07 -2.57 28.63
C VAL B 71 -9.01 -3.73 27.62
N PHE B 72 -8.10 -4.66 27.86
CA PHE B 72 -7.97 -5.81 26.96
C PHE B 72 -8.32 -7.05 27.76
N ASN B 73 -8.99 -8.00 27.14
CA ASN B 73 -9.31 -9.16 27.92
C ASN B 73 -9.84 -10.21 26.96
N SER B 74 -10.12 -11.39 27.49
CA SER B 74 -10.66 -12.46 26.65
C SER B 74 -11.83 -12.99 27.52
N ILE B 75 -12.94 -13.34 26.88
CA ILE B 75 -14.08 -13.83 27.64
C ILE B 75 -14.67 -15.09 27.04
N PRO B 76 -14.54 -16.23 27.75
CA PRO B 76 -15.11 -17.46 27.19
C PRO B 76 -16.62 -17.32 27.07
N TYR B 77 -17.20 -17.90 26.03
CA TYR B 77 -18.65 -17.83 25.82
C TYR B 77 -19.43 -18.17 27.08
N GLY B 78 -20.35 -17.29 27.45
CA GLY B 78 -21.17 -17.51 28.63
C GLY B 78 -20.41 -17.65 29.93
N GLU B 79 -19.15 -17.20 29.96
CA GLU B 79 -18.33 -17.29 31.18
C GLU B 79 -17.95 -15.89 31.60
N SER B 80 -17.46 -15.74 32.83
CA SER B 80 -17.08 -14.41 33.27
C SER B 80 -15.73 -14.05 32.65
N ARG B 81 -15.38 -12.77 32.65
CA ARG B 81 -14.11 -12.37 32.06
C ARG B 81 -12.89 -12.83 32.86
N GLY B 82 -11.72 -12.70 32.22
CA GLY B 82 -10.46 -13.07 32.86
C GLY B 82 -9.95 -11.74 33.42
N PRO B 83 -8.68 -11.69 33.87
CA PRO B 83 -8.10 -10.46 34.42
C PRO B 83 -7.92 -9.45 33.29
N GLU B 84 -8.05 -8.16 33.61
CA GLU B 84 -7.91 -7.12 32.58
C GLU B 84 -6.49 -6.62 32.40
N GLU B 85 -6.13 -6.27 31.17
CA GLU B 85 -4.82 -5.72 30.90
C GLU B 85 -5.18 -4.32 30.41
N ARG B 86 -4.59 -3.30 31.03
CA ARG B 86 -4.89 -1.94 30.66
C ARG B 86 -3.67 -1.07 30.33
N ILE B 87 -3.88 -0.07 29.47
CA ILE B 87 -2.83 0.89 29.10
C ILE B 87 -3.57 2.23 29.10
N PRO B 88 -2.87 3.35 29.27
CA PRO B 88 -3.63 4.59 29.24
C PRO B 88 -4.24 4.89 27.88
N LEU B 89 -5.34 5.65 27.88
CA LEU B 89 -6.04 6.07 26.65
C LEU B 89 -5.41 7.33 26.06
N GLU B 90 -5.13 8.30 26.93
CA GLU B 90 -4.51 9.55 26.52
C GLU B 90 -3.27 9.31 25.66
N GLY B 91 -3.07 10.14 24.64
CA GLY B 91 -1.88 10.01 23.80
C GLY B 91 -1.82 8.95 22.73
N THR B 92 -2.94 8.27 22.52
CA THR B 92 -3.00 7.23 21.51
C THR B 92 -3.72 7.77 20.27
N PHE B 93 -4.92 8.29 20.46
CA PHE B 93 -5.69 8.93 19.39
C PHE B 93 -5.35 10.41 19.36
N GLY B 94 -5.89 11.12 18.36
CA GLY B 94 -5.71 12.55 18.28
C GLY B 94 -4.97 13.05 17.04
N ASP B 95 -4.21 12.17 16.41
CA ASP B 95 -3.43 12.56 15.24
C ASP B 95 -4.24 12.65 13.97
N ARG B 96 -5.36 11.92 13.91
CA ARG B 96 -6.24 11.97 12.75
C ARG B 96 -7.71 11.95 13.16
N ARG B 97 -8.58 12.45 12.28
CA ARG B 97 -10.01 12.59 12.55
C ARG B 97 -10.76 11.27 12.31
N ASP B 98 -10.11 10.35 11.61
CA ASP B 98 -10.69 9.05 11.28
C ASP B 98 -9.84 7.98 11.94
N PRO B 99 -10.08 7.75 13.22
CA PRO B 99 -9.25 6.82 13.97
C PRO B 99 -9.40 5.37 13.55
N SER B 100 -8.40 4.57 13.85
CA SER B 100 -8.45 3.15 13.50
C SER B 100 -7.77 2.36 14.59
N ILE B 101 -8.18 1.12 14.75
CA ILE B 101 -7.65 0.20 15.72
C ILE B 101 -7.27 -0.99 14.85
N THR B 102 -5.98 -1.28 14.74
CA THR B 102 -5.56 -2.44 13.91
C THR B 102 -5.05 -3.57 14.79
N ILE B 103 -5.35 -4.81 14.41
CA ILE B 103 -4.85 -5.92 15.19
C ILE B 103 -4.10 -6.80 14.19
N PHE B 104 -2.84 -7.07 14.49
CA PHE B 104 -1.97 -7.90 13.67
C PHE B 104 -1.76 -9.19 14.45
N ASP B 105 -2.22 -10.29 13.86
CA ASP B 105 -2.12 -11.60 14.52
C ASP B 105 -0.70 -12.13 14.56
N HIS B 106 -0.35 -12.77 15.67
CA HIS B 106 0.93 -13.43 15.79
C HIS B 106 0.57 -14.76 16.49
N PRO B 107 1.43 -15.76 16.39
CA PRO B 107 1.20 -17.06 16.99
C PRO B 107 0.62 -17.04 18.39
N ASP B 108 1.27 -16.33 19.30
CA ASP B 108 0.76 -16.33 20.65
C ASP B 108 0.34 -14.97 21.14
N ARG B 109 0.22 -13.99 20.26
CA ARG B 109 -0.18 -12.66 20.72
C ARG B 109 -0.77 -11.81 19.62
N TYR B 110 -1.45 -10.76 20.03
CA TYR B 110 -2.05 -9.80 19.12
C TYR B 110 -1.34 -8.50 19.30
N GLN B 111 -0.90 -7.93 18.19
CA GLN B 111 -0.21 -6.65 18.21
C GLN B 111 -1.31 -5.64 17.95
N ILE B 112 -1.51 -4.71 18.87
CA ILE B 112 -2.60 -3.74 18.73
C ILE B 112 -2.08 -2.37 18.41
N MET B 113 -2.58 -1.77 17.35
CA MET B 113 -2.17 -0.42 16.94
C MET B 113 -3.33 0.58 16.95
N ILE B 114 -3.04 1.83 17.29
CA ILE B 114 -4.06 2.87 17.28
C ILE B 114 -3.48 3.82 16.21
N ASP B 115 -4.24 4.10 15.16
CA ASP B 115 -3.76 4.99 14.08
C ASP B 115 -2.44 4.49 13.50
N TYR B 116 -2.35 3.18 13.40
CA TYR B 116 -1.21 2.45 12.88
C TYR B 116 0.07 2.46 13.72
N LYS B 117 -0.03 2.98 14.93
CA LYS B 117 1.11 3.02 15.83
C LYS B 117 0.81 1.93 16.87
N THR B 118 1.74 1.00 17.05
CA THR B 118 1.59 -0.09 18.01
C THR B 118 1.53 0.41 19.44
N VAL B 119 0.49 0.02 20.17
CA VAL B 119 0.33 0.44 21.57
C VAL B 119 0.42 -0.70 22.55
N TYR B 120 0.26 -1.94 22.10
CA TYR B 120 0.25 -3.05 23.05
C TYR B 120 0.38 -4.39 22.37
N TYR B 121 0.90 -5.38 23.10
CA TYR B 121 0.94 -6.78 22.63
C TYR B 121 0.21 -7.54 23.70
N TYR B 122 -0.90 -8.13 23.29
CA TYR B 122 -1.73 -8.88 24.21
C TYR B 122 -1.55 -10.37 24.00
N LYS B 123 -1.05 -11.07 25.01
CA LYS B 123 -0.85 -12.51 24.86
C LYS B 123 -2.18 -13.23 24.64
N LYS B 124 -2.26 -14.09 23.63
CA LYS B 124 -3.48 -14.83 23.41
C LYS B 124 -3.82 -15.70 24.61
N ARG B 125 -5.11 -15.85 24.93
CA ARG B 125 -5.54 -16.68 26.08
C ARG B 125 -6.46 -17.84 25.76
N LEU B 126 -7.32 -17.67 24.77
CA LEU B 126 -8.28 -18.72 24.39
C LEU B 126 -7.92 -19.37 23.08
N GLU B 127 -8.44 -20.57 22.82
CA GLU B 127 -8.09 -21.25 21.58
C GLU B 127 -9.04 -20.95 20.45
N GLY B 128 -8.62 -21.27 19.24
CA GLY B 128 -9.45 -21.05 18.09
C GLY B 128 -9.17 -19.80 17.29
N ARG B 129 -9.47 -19.90 16.01
CA ARG B 129 -9.26 -18.75 15.12
C ARG B 129 -10.41 -17.77 15.15
N CYS B 130 -10.08 -16.51 14.88
CA CYS B 130 -11.09 -15.45 14.84
C CYS B 130 -11.96 -15.68 13.59
N GLU B 131 -13.27 -15.78 13.81
CA GLU B 131 -14.21 -16.00 12.72
C GLU B 131 -15.29 -14.91 12.68
N LYS B 132 -15.38 -14.12 13.73
CA LYS B 132 -16.34 -13.01 13.79
C LYS B 132 -15.74 -11.79 14.48
N VAL B 133 -16.30 -10.60 14.24
CA VAL B 133 -15.85 -9.38 14.95
C VAL B 133 -17.11 -8.65 15.41
N SER B 134 -17.05 -7.90 16.50
CA SER B 134 -18.26 -7.22 16.90
C SER B 134 -17.85 -5.84 17.40
N TYR B 135 -18.84 -4.98 17.52
CA TYR B 135 -18.71 -3.60 17.95
C TYR B 135 -19.89 -3.35 18.89
N LYS B 136 -19.60 -3.13 20.17
CA LYS B 136 -20.64 -3.00 21.17
C LYS B 136 -20.46 -1.82 22.09
N ILE B 137 -21.52 -1.52 22.81
CA ILE B 137 -21.50 -0.40 23.75
C ILE B 137 -22.47 -0.65 24.89
N ASN B 138 -22.11 -0.17 26.08
CA ASN B 138 -23.01 -0.34 27.22
C ASN B 138 -24.32 0.42 26.98
N GLU B 139 -25.39 -0.13 27.54
CA GLU B 139 -26.70 0.45 27.37
C GLU B 139 -26.81 1.94 27.65
N GLY B 140 -27.43 2.65 26.69
CA GLY B 140 -27.71 4.08 26.74
C GLY B 140 -26.61 5.08 26.52
N GLN B 141 -25.50 4.60 26.01
CA GLN B 141 -24.38 5.46 25.78
C GLN B 141 -24.16 5.71 24.30
N THR B 142 -23.30 6.67 24.03
CA THR B 142 -22.92 7.02 22.67
C THR B 142 -21.43 6.68 22.62
N PRO B 143 -20.94 6.18 21.46
CA PRO B 143 -19.56 5.79 21.32
C PRO B 143 -18.59 6.89 20.96
N PRO B 144 -17.28 6.61 21.10
CA PRO B 144 -16.21 7.57 20.76
C PRO B 144 -15.93 7.52 19.25
N PHE B 145 -16.51 6.55 18.56
CA PHE B 145 -16.35 6.39 17.12
C PHE B 145 -17.67 6.56 16.38
N SER B 146 -17.63 6.51 15.06
CA SER B 146 -18.82 6.57 14.27
C SER B 146 -19.66 5.35 14.64
N ASP B 147 -20.98 5.39 14.40
CA ASP B 147 -21.79 4.23 14.76
C ASP B 147 -21.75 3.08 13.75
N VAL B 148 -20.88 3.22 12.76
CA VAL B 148 -20.67 2.20 11.75
C VAL B 148 -19.15 2.28 11.50
N LEU B 149 -18.48 1.14 11.48
CA LEU B 149 -17.05 1.09 11.23
C LEU B 149 -16.79 0.34 9.92
N GLY B 150 -15.69 0.67 9.26
CA GLY B 150 -15.27 -0.08 8.09
C GLY B 150 -14.26 -1.08 8.60
N VAL B 151 -14.47 -2.37 8.33
CA VAL B 151 -13.52 -3.33 8.85
C VAL B 151 -12.84 -4.01 7.68
N THR B 152 -11.53 -3.92 7.63
CA THR B 152 -10.78 -4.54 6.55
C THR B 152 -9.93 -5.66 7.10
N VAL B 153 -10.02 -6.80 6.42
CA VAL B 153 -9.24 -7.96 6.82
C VAL B 153 -8.20 -8.19 5.73
N LEU B 154 -6.92 -8.11 6.08
CA LEU B 154 -5.84 -8.32 5.10
C LEU B 154 -4.60 -9.08 5.63
N TYR B 155 -3.65 -9.29 4.74
CA TYR B 155 -2.43 -9.97 5.10
C TYR B 155 -1.32 -9.13 4.53
N PHE B 156 -0.18 -9.17 5.21
CA PHE B 156 0.92 -8.31 4.83
C PHE B 156 1.19 -8.30 3.32
N ALA B 157 0.99 -9.44 2.67
CA ALA B 157 1.24 -9.53 1.24
C ALA B 157 0.26 -8.72 0.39
N ASN B 158 -0.77 -8.19 1.06
CA ASN B 158 -1.84 -7.44 0.40
C ASN B 158 -1.45 -5.97 0.23
N VAL B 159 -0.58 -5.49 1.11
CA VAL B 159 -0.08 -4.14 1.02
C VAL B 159 1.21 -4.09 0.20
N MET C 1 6.81 -6.88 -11.38
CA MET C 1 7.62 -7.26 -10.18
C MET C 1 8.81 -6.33 -10.02
N PHE C 2 9.77 -6.69 -9.15
CA PHE C 2 10.96 -5.82 -8.93
C PHE C 2 12.16 -6.11 -9.86
N HIS C 3 12.85 -5.06 -10.32
CA HIS C 3 14.00 -5.24 -11.19
C HIS C 3 15.14 -4.30 -10.80
N ILE C 4 16.37 -4.77 -10.97
CA ILE C 4 17.59 -4.01 -10.69
C ILE C 4 17.98 -3.48 -12.08
N LEU C 5 18.09 -2.17 -12.17
CA LEU C 5 18.44 -1.57 -13.42
C LEU C 5 19.71 -0.78 -13.27
N ARG C 6 20.78 -1.30 -13.86
CA ARG C 6 22.06 -0.65 -13.78
C ARG C 6 22.22 0.44 -14.81
N LEU C 7 23.03 1.43 -14.48
CA LEU C 7 23.29 2.54 -15.38
C LEU C 7 23.86 1.98 -16.68
N GLU C 8 23.36 2.48 -17.81
CA GLU C 8 23.81 2.02 -19.12
C GLU C 8 23.48 0.56 -19.42
N SER C 9 22.26 0.17 -19.06
CA SER C 9 21.81 -1.21 -19.30
C SER C 9 20.33 -1.17 -19.58
N THR C 10 19.82 -2.30 -20.05
CA THR C 10 18.43 -2.46 -20.38
C THR C 10 17.99 -3.72 -19.66
N VAL C 11 16.79 -3.64 -19.08
CA VAL C 11 16.18 -4.73 -18.37
C VAL C 11 14.89 -5.13 -19.08
N ASP C 12 14.71 -6.42 -19.29
CA ASP C 12 13.48 -6.86 -19.96
C ASP C 12 12.46 -7.11 -18.89
N LEU C 13 11.21 -6.74 -19.14
CA LEU C 13 10.17 -6.98 -18.14
C LEU C 13 9.77 -8.46 -18.27
N SER C 14 9.16 -9.02 -17.23
CA SER C 14 8.74 -10.41 -17.26
C SER C 14 7.65 -10.64 -18.29
N GLU C 15 6.90 -9.58 -18.59
CA GLU C 15 5.82 -9.66 -19.57
C GLU C 15 5.52 -8.25 -20.05
N PRO C 16 4.78 -8.12 -21.16
CA PRO C 16 4.49 -6.75 -21.61
C PRO C 16 3.65 -6.03 -20.56
N LEU C 17 3.92 -4.76 -20.34
CA LEU C 17 3.17 -4.02 -19.35
C LEU C 17 1.72 -3.93 -19.81
N LYS C 18 0.79 -4.31 -18.94
CA LYS C 18 -0.62 -4.24 -19.28
C LYS C 18 -1.17 -2.80 -19.14
N ASP C 19 -2.41 -2.59 -19.60
CA ASP C 19 -3.05 -1.28 -19.52
C ASP C 19 -3.02 -0.78 -18.08
N ASN C 20 -2.73 0.50 -17.89
CA ASN C 20 -2.70 1.06 -16.56
C ASN C 20 -1.62 0.50 -15.69
N GLY C 21 -0.59 -0.06 -16.33
CA GLY C 21 0.52 -0.62 -15.61
C GLY C 21 1.23 0.60 -15.02
N ILE C 22 1.92 0.39 -13.91
CA ILE C 22 2.67 1.44 -13.21
C ILE C 22 4.12 1.01 -13.12
N ILE C 23 5.03 1.89 -13.55
CA ILE C 23 6.46 1.61 -13.50
C ILE C 23 7.13 2.68 -12.65
N VAL C 24 7.70 2.22 -11.54
CA VAL C 24 8.40 3.11 -10.60
C VAL C 24 9.92 2.93 -10.62
N PHE C 25 10.65 3.98 -11.00
CA PHE C 25 12.10 3.99 -11.02
C PHE C 25 12.51 4.62 -9.69
N GLN C 26 13.23 3.87 -8.82
CA GLN C 26 13.68 4.34 -7.50
C GLN C 26 15.20 4.50 -7.38
N SER C 27 15.64 5.65 -6.88
CA SER C 27 17.07 5.93 -6.70
C SER C 27 17.26 6.14 -5.21
N ASP C 28 18.47 5.89 -4.70
CA ASP C 28 18.69 6.13 -3.27
C ASP C 28 19.60 7.37 -3.15
N LYS C 29 19.80 8.04 -4.28
CA LYS C 29 20.62 9.27 -4.32
C LYS C 29 20.04 10.33 -5.21
N LEU C 30 20.26 11.58 -4.83
CA LEU C 30 19.78 12.73 -5.62
C LEU C 30 20.94 13.71 -5.71
N ASP C 31 21.34 14.07 -6.92
CA ASP C 31 22.44 15.03 -7.05
C ASP C 31 22.09 15.90 -8.24
N LEU C 32 21.38 16.98 -7.98
CA LEU C 32 20.96 17.88 -9.06
C LEU C 32 22.03 18.79 -9.63
N GLU C 33 23.22 18.75 -9.04
CA GLU C 33 24.33 19.52 -9.59
C GLU C 33 24.74 18.85 -10.90
N PRO C 34 24.90 19.67 -11.95
CA PRO C 34 25.31 19.12 -13.24
C PRO C 34 26.56 18.25 -13.14
N SER C 35 26.65 17.23 -13.99
CA SER C 35 27.80 16.35 -13.97
C SER C 35 29.07 17.22 -14.07
N PRO C 36 29.98 17.13 -13.08
CA PRO C 36 31.20 17.94 -13.14
C PRO C 36 31.91 17.79 -14.49
N ASN C 37 31.92 16.58 -15.05
CA ASN C 37 32.54 16.34 -16.38
C ASN C 37 31.41 16.32 -17.41
N LEU C 38 31.45 17.19 -18.41
CA LEU C 38 30.37 17.19 -19.40
C LEU C 38 30.56 16.15 -20.50
N GLY C 39 31.81 15.91 -20.87
CA GLY C 39 32.11 14.94 -21.90
C GLY C 39 31.93 15.50 -23.30
N PRO C 40 32.32 14.70 -24.30
CA PRO C 40 32.26 15.05 -25.72
C PRO C 40 30.91 15.47 -26.32
N THR C 41 29.81 14.97 -25.78
CA THR C 41 28.48 15.31 -26.31
C THR C 41 28.05 16.77 -26.08
N GLY C 42 28.56 17.40 -25.03
CA GLY C 42 28.18 18.79 -24.76
C GLY C 42 26.76 18.91 -24.20
N ILE C 43 26.17 17.78 -23.85
CA ILE C 43 24.79 17.73 -23.30
C ILE C 43 24.81 16.84 -22.04
N ASP C 44 24.51 17.43 -20.89
CA ASP C 44 24.41 16.68 -19.64
C ASP C 44 23.09 15.94 -19.65
N ASN C 45 23.14 14.63 -19.90
CA ASN C 45 21.93 13.85 -20.11
C ASN C 45 21.94 12.48 -19.46
N THR C 46 21.07 12.29 -18.48
CA THR C 46 20.84 10.97 -17.90
C THR C 46 19.36 10.71 -18.06
N ASN C 47 19.02 9.53 -18.59
CA ASN C 47 17.64 9.24 -18.92
C ASN C 47 17.19 7.82 -18.62
N VAL C 48 15.88 7.67 -18.46
CA VAL C 48 15.24 6.34 -18.27
C VAL C 48 14.32 6.21 -19.48
N ASN C 49 14.04 4.98 -19.90
CA ASN C 49 13.23 4.80 -21.09
C ASN C 49 12.32 3.59 -21.00
N LEU C 50 11.15 3.72 -21.60
CA LEU C 50 10.25 2.60 -21.76
C LEU C 50 10.35 2.19 -23.21
N ILE C 51 10.58 0.91 -23.47
CA ILE C 51 10.82 0.42 -24.83
C ILE C 51 9.90 -0.74 -25.21
N ASN C 52 9.45 -0.80 -26.46
CA ASN C 52 8.59 -1.94 -26.89
C ASN C 52 9.44 -3.11 -27.37
N ALA C 53 8.78 -4.17 -27.81
CA ALA C 53 9.49 -5.34 -28.27
C ALA C 53 10.46 -5.03 -29.38
N LYS C 54 10.03 -4.13 -30.27
CA LYS C 54 10.76 -3.68 -31.45
C LYS C 54 11.90 -2.70 -31.20
N GLY C 55 12.20 -2.41 -29.94
CA GLY C 55 13.27 -1.48 -29.64
C GLY C 55 12.93 0.00 -29.79
N ASP C 56 11.66 0.33 -29.96
CA ASP C 56 11.26 1.73 -30.06
C ASP C 56 11.17 2.27 -28.65
N VAL C 57 11.65 3.49 -28.43
CA VAL C 57 11.52 4.04 -27.09
C VAL C 57 10.17 4.70 -27.07
N LEU C 58 9.21 4.04 -26.42
CA LEU C 58 7.86 4.55 -26.31
C LEU C 58 7.87 5.89 -25.56
N LEU C 59 8.62 5.91 -24.48
CA LEU C 59 8.74 7.13 -23.67
C LEU C 59 10.15 7.26 -23.16
N HIS C 60 10.76 8.41 -23.46
CA HIS C 60 12.10 8.76 -22.99
C HIS C 60 11.96 9.88 -21.96
N ILE C 61 12.59 9.72 -20.80
CA ILE C 61 12.51 10.76 -19.76
C ILE C 61 13.94 11.12 -19.45
N GLY C 62 14.32 12.32 -19.88
CA GLY C 62 15.65 12.83 -19.70
C GLY C 62 15.72 13.96 -18.66
N ILE C 63 16.79 13.90 -17.88
CA ILE C 63 17.07 14.89 -16.84
C ILE C 63 18.25 15.70 -17.34
N ARG C 64 18.01 17.00 -17.50
CA ARG C 64 19.00 17.92 -18.01
C ARG C 64 19.31 18.98 -16.95
N ARG C 65 20.25 18.67 -16.07
CA ARG C 65 20.64 19.57 -14.99
C ARG C 65 21.21 20.90 -15.45
N ARG C 66 21.79 20.90 -16.65
CA ARG C 66 22.39 22.11 -17.18
C ARG C 66 21.36 22.97 -17.91
N GLU C 67 20.18 22.41 -18.14
CA GLU C 67 19.12 23.10 -18.86
C GLU C 67 17.88 23.34 -17.99
N ASN C 68 17.97 23.00 -16.71
CA ASN C 68 16.82 23.16 -15.82
C ASN C 68 15.63 22.47 -16.47
N ALA C 69 15.81 21.24 -16.95
CA ALA C 69 14.63 20.67 -17.55
C ALA C 69 14.54 19.16 -17.63
N PHE C 70 13.32 18.69 -17.87
CA PHE C 70 13.02 17.29 -18.09
C PHE C 70 12.73 17.28 -19.57
N VAL C 71 13.14 16.24 -20.27
CA VAL C 71 12.88 16.21 -21.69
C VAL C 71 12.13 14.92 -21.92
N PHE C 72 10.96 14.99 -22.55
CA PHE C 72 10.21 13.77 -22.81
C PHE C 72 10.18 13.60 -24.31
N ASN C 73 10.24 12.35 -24.79
CA ASN C 73 10.23 12.18 -26.23
C ASN C 73 10.00 10.69 -26.51
N SER C 74 9.92 10.33 -27.79
CA SER C 74 9.73 8.93 -28.19
C SER C 74 10.74 8.76 -29.33
N ILE C 75 11.41 7.61 -29.42
CA ILE C 75 12.42 7.41 -30.49
C ILE C 75 12.22 6.07 -31.22
N PRO C 76 11.74 6.10 -32.45
CA PRO C 76 11.53 4.86 -33.22
C PRO C 76 12.84 4.11 -33.43
N TYR C 77 12.78 2.79 -33.42
CA TYR C 77 13.98 1.99 -33.61
C TYR C 77 14.79 2.46 -34.80
N GLY C 78 16.06 2.77 -34.57
CA GLY C 78 16.97 3.23 -35.61
C GLY C 78 16.67 4.55 -36.29
N GLU C 79 15.76 5.35 -35.72
CA GLU C 79 15.42 6.64 -36.31
C GLU C 79 15.80 7.74 -35.34
N SER C 80 15.60 8.97 -35.75
CA SER C 80 15.94 10.07 -34.89
C SER C 80 14.84 10.36 -33.88
N ARG C 81 15.17 11.21 -32.91
CA ARG C 81 14.20 11.63 -31.90
C ARG C 81 13.02 12.39 -32.51
N GLY C 82 11.91 12.41 -31.78
CA GLY C 82 10.72 13.15 -32.17
C GLY C 82 10.88 14.53 -31.57
N PRO C 83 9.85 15.37 -31.69
CA PRO C 83 9.93 16.71 -31.11
C PRO C 83 10.01 16.55 -29.61
N GLU C 84 10.77 17.42 -28.95
CA GLU C 84 10.87 17.32 -27.51
C GLU C 84 9.80 18.05 -26.72
N GLU C 85 9.33 17.44 -25.64
CA GLU C 85 8.35 18.08 -24.78
C GLU C 85 8.98 18.27 -23.41
N ARG C 86 9.21 19.52 -23.04
CA ARG C 86 9.96 19.81 -21.80
C ARG C 86 9.21 20.56 -20.71
N ILE C 87 9.62 20.37 -19.47
CA ILE C 87 9.05 21.12 -18.34
C ILE C 87 10.20 21.44 -17.41
N PRO C 88 10.08 22.47 -16.59
CA PRO C 88 11.22 22.79 -15.74
C PRO C 88 11.61 21.65 -14.76
N LEU C 89 12.90 21.57 -14.44
CA LEU C 89 13.43 20.55 -13.53
C LEU C 89 13.24 21.04 -12.11
N GLU C 90 13.46 22.33 -11.90
CA GLU C 90 13.31 22.94 -10.56
C GLU C 90 11.94 22.73 -9.93
N GLY C 91 11.93 22.57 -8.61
CA GLY C 91 10.67 22.38 -7.86
C GLY C 91 9.97 21.05 -7.99
N THR C 92 10.69 20.06 -8.51
CA THR C 92 10.12 18.75 -8.66
C THR C 92 10.71 17.76 -7.65
N PHE C 93 11.96 17.39 -7.82
CA PHE C 93 12.59 16.45 -6.89
C PHE C 93 12.85 17.16 -5.56
N GLY C 94 13.11 18.46 -5.63
CA GLY C 94 13.38 19.21 -4.42
C GLY C 94 14.67 18.65 -3.86
N ASP C 95 14.63 18.17 -2.61
CA ASP C 95 15.82 17.60 -2.01
C ASP C 95 15.59 16.23 -1.32
N ARG C 96 14.48 15.57 -1.59
CA ARG C 96 14.24 14.25 -1.02
C ARG C 96 15.34 13.30 -1.48
N ARG C 97 15.92 12.56 -0.53
CA ARG C 97 17.08 11.71 -0.80
C ARG C 97 16.89 10.48 -1.69
N ASP C 98 15.68 9.93 -1.72
CA ASP C 98 15.42 8.77 -2.56
C ASP C 98 14.39 9.17 -3.59
N PRO C 99 14.84 9.88 -4.62
CA PRO C 99 13.87 10.30 -5.62
C PRO C 99 13.33 9.13 -6.43
N SER C 100 12.22 9.36 -7.10
CA SER C 100 11.59 8.31 -7.92
C SER C 100 10.85 8.96 -9.07
N ILE C 101 10.83 8.26 -10.19
CA ILE C 101 10.10 8.68 -11.37
C ILE C 101 9.10 7.56 -11.60
N THR C 102 7.83 7.88 -11.47
CA THR C 102 6.79 6.87 -11.67
C THR C 102 6.01 7.19 -12.95
N ILE C 103 5.76 6.17 -13.75
CA ILE C 103 4.99 6.34 -14.97
C ILE C 103 3.73 5.51 -14.86
N PHE C 104 2.58 6.14 -15.00
CA PHE C 104 1.31 5.43 -14.92
C PHE C 104 0.74 5.39 -16.33
N ASP C 105 0.51 4.19 -16.85
CA ASP C 105 0.02 4.03 -18.21
C ASP C 105 -1.47 4.32 -18.38
N HIS C 106 -1.81 5.03 -19.45
CA HIS C 106 -3.19 5.33 -19.79
C HIS C 106 -3.30 4.92 -21.26
N PRO C 107 -4.51 4.71 -21.77
CA PRO C 107 -4.59 4.29 -23.18
C PRO C 107 -3.92 5.18 -24.23
N ASP C 108 -3.96 6.48 -24.06
CA ASP C 108 -3.37 7.36 -25.05
C ASP C 108 -2.27 8.26 -24.51
N ARG C 109 -1.92 8.08 -23.25
CA ARG C 109 -0.87 8.90 -22.66
C ARG C 109 -0.25 8.28 -21.42
N TYR C 110 0.88 8.84 -21.03
CA TYR C 110 1.61 8.43 -19.86
C TYR C 110 1.51 9.55 -18.83
N GLN C 111 1.25 9.18 -17.59
CA GLN C 111 1.19 10.19 -16.52
C GLN C 111 2.54 10.05 -15.86
N ILE C 112 3.27 11.14 -15.75
CA ILE C 112 4.60 11.09 -15.18
C ILE C 112 4.62 11.80 -13.86
N MET C 113 5.12 11.12 -12.83
CA MET C 113 5.22 11.70 -11.50
C MET C 113 6.65 11.72 -11.01
N ILE C 114 7.00 12.76 -10.27
CA ILE C 114 8.30 12.85 -9.70
C ILE C 114 7.99 12.80 -8.21
N ASP C 115 8.54 11.81 -7.49
CA ASP C 115 8.28 11.67 -6.06
C ASP C 115 6.78 11.52 -5.80
N TYR C 116 6.16 10.75 -6.67
CA TYR C 116 4.73 10.47 -6.58
C TYR C 116 3.78 11.65 -6.82
N LYS C 117 4.32 12.78 -7.28
CA LYS C 117 3.52 13.95 -7.57
C LYS C 117 3.51 14.10 -9.08
N THR C 118 2.31 14.16 -9.66
CA THR C 118 2.21 14.25 -11.12
C THR C 118 2.80 15.54 -11.68
N VAL C 119 3.70 15.42 -12.67
CA VAL C 119 4.35 16.56 -13.32
C VAL C 119 3.98 16.77 -14.80
N TYR C 120 3.54 15.73 -15.48
CA TYR C 120 3.27 15.88 -16.90
C TYR C 120 2.45 14.73 -17.45
N TYR C 121 1.63 15.03 -18.44
CA TYR C 121 0.89 14.01 -19.17
C TYR C 121 1.41 14.03 -20.60
N TYR C 122 2.05 12.95 -21.00
CA TYR C 122 2.67 12.85 -22.32
C TYR C 122 1.87 11.98 -23.23
N LYS C 123 1.41 12.57 -24.33
CA LYS C 123 0.61 11.84 -25.32
C LYS C 123 1.45 10.77 -26.01
N LYS C 124 0.95 9.54 -26.03
CA LYS C 124 1.69 8.47 -26.67
C LYS C 124 1.87 8.78 -28.13
N ARG C 125 2.97 8.31 -28.72
CA ARG C 125 3.23 8.55 -30.13
C ARG C 125 3.48 7.27 -30.91
N LEU C 126 4.02 6.25 -30.24
CA LEU C 126 4.36 4.97 -30.91
C LEU C 126 3.53 3.80 -30.42
N GLU C 127 3.32 2.81 -31.29
CA GLU C 127 2.50 1.65 -30.93
C GLU C 127 3.30 0.59 -30.19
N GLY C 128 2.60 -0.30 -29.50
CA GLY C 128 3.25 -1.38 -28.80
C GLY C 128 3.35 -1.24 -27.31
N ARG C 129 3.39 -2.38 -26.65
CA ARG C 129 3.50 -2.36 -25.20
C ARG C 129 4.92 -2.31 -24.72
N CYS C 130 5.09 -1.65 -23.58
CA CYS C 130 6.40 -1.58 -22.99
C CYS C 130 6.85 -2.98 -22.57
N GLU C 131 8.01 -3.41 -23.04
CA GLU C 131 8.54 -4.71 -22.71
C GLU C 131 9.93 -4.67 -22.09
N LYS C 132 10.60 -3.51 -22.15
CA LYS C 132 11.94 -3.35 -21.62
C LYS C 132 12.07 -1.92 -21.07
N VAL C 133 13.03 -1.70 -20.19
CA VAL C 133 13.26 -0.34 -19.64
C VAL C 133 14.74 -0.16 -19.63
N SER C 134 15.21 1.09 -19.81
CA SER C 134 16.63 1.31 -19.80
C SER C 134 16.97 2.57 -18.98
N TYR C 135 18.26 2.71 -18.69
CA TYR C 135 18.79 3.77 -17.87
C TYR C 135 20.15 4.07 -18.50
N LYS C 136 20.27 5.23 -19.13
CA LYS C 136 21.46 5.56 -19.88
C LYS C 136 22.00 6.91 -19.50
N ILE C 137 23.22 7.17 -19.90
CA ILE C 137 23.82 8.47 -19.61
C ILE C 137 24.84 8.76 -20.69
N ASN C 138 24.97 10.04 -21.06
CA ASN C 138 25.97 10.42 -22.06
C ASN C 138 27.39 10.12 -21.58
N GLU C 139 28.22 9.72 -22.53
CA GLU C 139 29.63 9.39 -22.30
C GLU C 139 30.35 10.33 -21.34
N GLY C 140 31.06 9.75 -20.39
CA GLY C 140 31.85 10.48 -19.41
C GLY C 140 31.20 11.30 -18.33
N GLN C 141 29.88 11.16 -18.15
CA GLN C 141 29.18 11.94 -17.11
C GLN C 141 28.82 11.09 -15.91
N THR C 142 28.47 11.75 -14.81
CA THR C 142 27.99 11.06 -13.62
C THR C 142 26.51 11.39 -13.50
N PRO C 143 25.69 10.42 -13.10
CA PRO C 143 24.24 10.66 -13.07
C PRO C 143 23.72 11.44 -11.85
N PRO C 144 22.48 11.96 -11.92
CA PRO C 144 21.92 12.67 -10.78
C PRO C 144 21.31 11.65 -9.80
N PHE C 145 21.26 10.37 -10.19
CA PHE C 145 20.69 9.35 -9.31
C PHE C 145 21.74 8.31 -8.98
N SER C 146 21.37 7.29 -8.21
CA SER C 146 22.30 6.23 -7.89
C SER C 146 22.60 5.50 -9.22
N ASP C 147 23.76 4.84 -9.32
CA ASP C 147 24.15 4.12 -10.53
C ASP C 147 23.41 2.83 -10.77
N VAL C 148 22.50 2.53 -9.85
CA VAL C 148 21.65 1.36 -9.93
C VAL C 148 20.29 1.85 -9.44
N LEU C 149 19.23 1.48 -10.14
CA LEU C 149 17.90 1.91 -9.71
C LEU C 149 17.06 0.66 -9.46
N GLY C 150 16.11 0.76 -8.54
CA GLY C 150 15.18 -0.31 -8.31
C GLY C 150 13.94 0.02 -9.11
N VAL C 151 13.56 -0.86 -10.04
CA VAL C 151 12.43 -0.54 -10.90
C VAL C 151 11.30 -1.51 -10.51
N THR C 152 10.17 -0.97 -10.09
CA THR C 152 9.04 -1.82 -9.71
C THR C 152 7.87 -1.69 -10.67
N VAL C 153 7.36 -2.82 -11.16
CA VAL C 153 6.22 -2.79 -12.06
C VAL C 153 5.04 -3.28 -11.25
N LEU C 154 3.96 -2.52 -11.27
CA LEU C 154 2.78 -2.90 -10.53
C LEU C 154 1.51 -2.32 -11.14
N TYR C 155 0.38 -2.73 -10.59
CA TYR C 155 -0.92 -2.25 -11.04
C TYR C 155 -1.62 -1.67 -9.81
N PHE C 156 -2.53 -0.73 -10.02
CA PHE C 156 -3.23 -0.17 -8.89
C PHE C 156 -3.84 -1.27 -8.00
N ALA C 157 -3.62 -1.17 -6.71
CA ALA C 157 -4.12 -2.16 -5.75
C ALA C 157 -3.73 -3.62 -5.98
N ASN C 158 -4.71 -4.51 -5.87
CA ASN C 158 -4.44 -5.95 -5.94
C ASN C 158 -5.41 -6.68 -6.85
N MET D 1 -8.00 9.28 4.20
CA MET D 1 -9.11 9.78 5.00
C MET D 1 -10.40 9.00 4.73
N PHE D 2 -10.94 8.41 5.79
CA PHE D 2 -12.08 7.53 5.68
C PHE D 2 -13.41 8.17 6.10
N HIS D 3 -14.46 7.87 5.33
CA HIS D 3 -15.78 8.38 5.61
C HIS D 3 -16.86 7.31 5.47
N ILE D 4 -17.90 7.37 6.31
CA ILE D 4 -19.01 6.44 6.26
C ILE D 4 -20.05 7.15 5.39
N LEU D 5 -20.54 6.46 4.36
CA LEU D 5 -21.53 7.05 3.48
C LEU D 5 -22.76 6.16 3.43
N ARG D 6 -23.84 6.58 4.07
CA ARG D 6 -25.06 5.77 4.07
C ARG D 6 -25.89 6.01 2.81
N LEU D 7 -26.66 5.00 2.43
CA LEU D 7 -27.52 5.10 1.25
C LEU D 7 -28.46 6.26 1.50
N GLU D 8 -28.72 7.06 0.46
CA GLU D 8 -29.59 8.23 0.55
C GLU D 8 -29.04 9.34 1.42
N SER D 9 -27.74 9.52 1.38
CA SER D 9 -27.14 10.58 2.17
C SER D 9 -25.97 11.16 1.38
N THR D 10 -25.46 12.27 1.87
CA THR D 10 -24.36 12.98 1.28
C THR D 10 -23.38 13.18 2.42
N VAL D 11 -22.09 13.09 2.14
CA VAL D 11 -21.10 13.29 3.20
C VAL D 11 -20.05 14.26 2.70
N ASP D 12 -19.66 15.20 3.55
CA ASP D 12 -18.65 16.17 3.18
C ASP D 12 -17.27 15.54 3.24
N LEU D 13 -16.42 15.83 2.27
CA LEU D 13 -15.07 15.35 2.38
C LEU D 13 -14.46 16.23 3.45
N SER D 14 -13.38 15.77 4.07
CA SER D 14 -12.72 16.58 5.11
C SER D 14 -12.16 17.89 4.55
N GLU D 15 -11.80 17.85 3.27
CA GLU D 15 -11.28 19.01 2.55
C GLU D 15 -11.55 18.67 1.09
N PRO D 16 -11.52 19.67 0.21
CA PRO D 16 -11.77 19.33 -1.19
C PRO D 16 -10.70 18.39 -1.73
N LEU D 17 -11.09 17.54 -2.68
CA LEU D 17 -10.16 16.58 -3.27
C LEU D 17 -9.05 17.32 -4.02
N LYS D 18 -7.80 17.07 -3.65
CA LYS D 18 -6.68 17.75 -4.31
C LYS D 18 -6.36 17.13 -5.66
N ASP D 19 -5.56 17.84 -6.47
CA ASP D 19 -5.17 17.33 -7.80
C ASP D 19 -4.70 15.90 -7.67
N ASN D 20 -5.13 15.07 -8.61
CA ASN D 20 -4.74 13.68 -8.60
C ASN D 20 -5.24 12.91 -7.39
N GLY D 21 -6.27 13.45 -6.73
CA GLY D 21 -6.86 12.78 -5.57
C GLY D 21 -7.52 11.50 -6.08
N ILE D 22 -7.61 10.50 -5.21
CA ILE D 22 -8.23 9.20 -5.53
C ILE D 22 -9.34 8.99 -4.51
N ILE D 23 -10.55 8.71 -5.00
CA ILE D 23 -11.68 8.47 -4.10
C ILE D 23 -12.16 7.08 -4.37
N VAL D 24 -12.18 6.26 -3.32
CA VAL D 24 -12.61 4.85 -3.40
C VAL D 24 -13.89 4.61 -2.61
N PHE D 25 -14.95 4.21 -3.30
CA PHE D 25 -16.25 3.90 -2.68
C PHE D 25 -16.22 2.39 -2.48
N GLN D 26 -16.29 1.95 -1.24
CA GLN D 26 -16.26 0.51 -0.94
C GLN D 26 -17.54 -0.06 -0.38
N SER D 27 -17.97 -1.18 -0.98
CA SER D 27 -19.18 -1.89 -0.60
C SER D 27 -18.78 -3.26 -0.04
N ASP D 28 -19.54 -3.82 0.89
CA ASP D 28 -19.19 -5.14 1.37
C ASP D 28 -20.07 -6.18 0.72
N LYS D 29 -20.84 -5.74 -0.27
CA LYS D 29 -21.73 -6.66 -0.97
C LYS D 29 -21.91 -6.28 -2.40
N LEU D 30 -22.29 -7.27 -3.21
CA LEU D 30 -22.53 -7.03 -4.64
C LEU D 30 -23.74 -7.86 -5.06
N ASP D 31 -24.69 -7.23 -5.77
CA ASP D 31 -25.88 -7.98 -6.25
C ASP D 31 -26.32 -7.26 -7.52
N LEU D 32 -25.86 -7.80 -8.63
CA LEU D 32 -26.14 -7.26 -9.97
C LEU D 32 -27.50 -7.56 -10.53
N GLU D 33 -28.27 -8.39 -9.83
CA GLU D 33 -29.62 -8.69 -10.24
C GLU D 33 -30.45 -7.45 -9.98
N PRO D 34 -31.33 -7.10 -10.91
CA PRO D 34 -32.09 -5.90 -10.74
C PRO D 34 -32.87 -5.89 -9.42
N SER D 35 -33.11 -4.69 -8.91
CA SER D 35 -33.86 -4.50 -7.69
C SER D 35 -35.20 -5.21 -7.86
N PRO D 36 -35.61 -6.04 -6.88
CA PRO D 36 -36.90 -6.76 -6.96
C PRO D 36 -38.05 -5.87 -7.43
N ASN D 37 -38.20 -4.72 -6.78
CA ASN D 37 -39.24 -3.76 -7.10
C ASN D 37 -38.64 -2.66 -7.95
N LEU D 38 -39.32 -2.31 -9.04
CA LEU D 38 -38.83 -1.25 -9.93
C LEU D 38 -39.25 0.12 -9.41
N GLY D 39 -40.43 0.19 -8.82
CA GLY D 39 -40.91 1.46 -8.30
C GLY D 39 -41.54 2.38 -9.33
N PRO D 40 -41.94 3.58 -8.89
CA PRO D 40 -42.58 4.56 -9.76
C PRO D 40 -41.75 5.26 -10.83
N THR D 41 -40.42 5.28 -10.69
CA THR D 41 -39.58 5.94 -11.69
C THR D 41 -39.44 5.10 -12.95
N GLY D 42 -39.57 3.79 -12.79
CA GLY D 42 -39.44 2.88 -13.92
C GLY D 42 -37.99 2.74 -14.35
N ILE D 43 -37.08 3.30 -13.55
CA ILE D 43 -35.66 3.24 -13.84
C ILE D 43 -34.89 2.68 -12.64
N ASP D 44 -34.32 1.48 -12.80
CA ASP D 44 -33.54 0.82 -11.71
C ASP D 44 -32.20 1.56 -11.71
N ASN D 45 -32.04 2.44 -10.71
CA ASN D 45 -30.89 3.33 -10.62
C ASN D 45 -30.36 3.51 -9.20
N THR D 46 -29.10 3.16 -9.00
CA THR D 46 -28.39 3.43 -7.76
C THR D 46 -27.16 4.16 -8.22
N ASN D 47 -26.75 5.17 -7.50
CA ASN D 47 -25.62 5.94 -7.97
C ASN D 47 -24.82 6.62 -6.89
N VAL D 48 -23.58 6.95 -7.23
CA VAL D 48 -22.69 7.68 -6.37
C VAL D 48 -22.28 8.91 -7.16
N ASN D 49 -22.08 10.02 -6.46
CA ASN D 49 -21.84 11.30 -7.10
C ASN D 49 -20.70 12.07 -6.44
N LEU D 50 -19.92 12.75 -7.27
CA LEU D 50 -18.85 13.62 -6.79
C LEU D 50 -19.35 15.04 -6.98
N ILE D 51 -19.49 15.75 -5.88
CA ILE D 51 -20.12 17.05 -5.89
C ILE D 51 -19.20 18.15 -5.41
N ASN D 52 -19.29 19.33 -6.03
CA ASN D 52 -18.47 20.47 -5.65
C ASN D 52 -19.18 21.28 -4.59
N ALA D 53 -18.55 22.40 -4.21
CA ALA D 53 -19.11 23.28 -3.18
C ALA D 53 -20.49 23.84 -3.50
N LYS D 54 -20.70 24.20 -4.76
CA LYS D 54 -21.97 24.77 -5.19
C LYS D 54 -23.07 23.75 -5.44
N GLY D 55 -22.82 22.49 -5.10
CA GLY D 55 -23.84 21.45 -5.28
C GLY D 55 -23.91 20.80 -6.64
N ASP D 56 -22.99 21.18 -7.52
CA ASP D 56 -22.96 20.64 -8.86
C ASP D 56 -22.45 19.22 -8.80
N VAL D 57 -23.06 18.33 -9.57
CA VAL D 57 -22.57 16.97 -9.56
C VAL D 57 -21.52 16.96 -10.65
N LEU D 58 -20.25 16.96 -10.24
CA LEU D 58 -19.11 16.98 -11.18
C LEU D 58 -19.08 15.70 -11.99
N LEU D 59 -19.38 14.61 -11.30
CA LEU D 59 -19.41 13.28 -11.90
C LEU D 59 -20.45 12.46 -11.17
N HIS D 60 -21.35 11.90 -11.97
CA HIS D 60 -22.43 11.02 -11.53
C HIS D 60 -22.07 9.68 -12.14
N ILE D 61 -22.09 8.64 -11.31
CA ILE D 61 -21.81 7.27 -11.75
C ILE D 61 -23.08 6.50 -11.37
N GLY D 62 -23.85 6.09 -12.37
CA GLY D 62 -25.10 5.38 -12.13
C GLY D 62 -24.97 3.95 -12.59
N ILE D 63 -25.55 3.03 -11.83
CA ILE D 63 -25.51 1.63 -12.17
C ILE D 63 -26.91 1.21 -12.57
N ARG D 64 -27.06 0.77 -13.81
CA ARG D 64 -28.36 0.45 -14.31
C ARG D 64 -28.40 -1.01 -14.65
N ARG D 65 -28.81 -1.80 -13.66
CA ARG D 65 -28.91 -3.26 -13.77
C ARG D 65 -29.88 -3.77 -14.84
N ARG D 66 -30.95 -3.05 -15.08
CA ARG D 66 -31.92 -3.47 -16.11
C ARG D 66 -31.56 -3.00 -17.50
N GLU D 67 -30.67 -2.01 -17.59
CA GLU D 67 -30.26 -1.45 -18.87
C GLU D 67 -28.86 -1.95 -19.28
N ASN D 68 -28.28 -2.80 -18.44
CA ASN D 68 -26.93 -3.30 -18.67
C ASN D 68 -25.93 -2.18 -18.96
N ALA D 69 -25.78 -1.24 -18.04
CA ALA D 69 -24.83 -0.16 -18.27
C ALA D 69 -24.67 0.86 -17.15
N PHE D 70 -23.44 1.36 -17.02
CA PHE D 70 -23.11 2.46 -16.12
C PHE D 70 -23.54 3.70 -16.89
N VAL D 71 -23.84 4.77 -16.18
CA VAL D 71 -24.22 5.98 -16.86
C VAL D 71 -23.35 7.02 -16.19
N PHE D 72 -22.66 7.82 -16.99
CA PHE D 72 -21.79 8.86 -16.44
C PHE D 72 -22.32 10.22 -16.86
N ASN D 73 -22.26 11.23 -16.00
CA ASN D 73 -22.78 12.48 -16.45
C ASN D 73 -22.39 13.52 -15.41
N SER D 74 -22.77 14.74 -15.67
CA SER D 74 -22.48 15.85 -14.75
C SER D 74 -23.80 16.61 -14.72
N ILE D 75 -24.19 17.09 -13.53
CA ILE D 75 -25.45 17.81 -13.38
C ILE D 75 -25.26 19.12 -12.61
N PRO D 76 -25.38 20.29 -13.28
CA PRO D 76 -25.22 21.55 -12.49
C PRO D 76 -26.34 21.60 -11.46
N TYR D 77 -26.08 22.22 -10.32
CA TYR D 77 -27.08 22.31 -9.26
C TYR D 77 -28.37 23.01 -9.67
N GLY D 78 -29.51 22.33 -9.49
CA GLY D 78 -30.80 22.90 -9.84
C GLY D 78 -31.13 22.87 -11.32
N GLU D 79 -30.24 22.29 -12.13
CA GLU D 79 -30.45 22.21 -13.57
C GLU D 79 -30.58 20.76 -14.03
N SER D 80 -30.93 20.58 -15.28
CA SER D 80 -31.08 19.23 -15.82
C SER D 80 -29.73 18.58 -16.16
N ARG D 81 -29.75 17.27 -16.40
CA ARG D 81 -28.54 16.53 -16.72
C ARG D 81 -27.98 16.91 -18.08
N GLY D 82 -26.73 16.53 -18.35
CA GLY D 82 -26.14 16.80 -19.65
C GLY D 82 -26.28 15.49 -20.42
N PRO D 83 -25.59 15.40 -21.57
CA PRO D 83 -25.66 14.16 -22.34
C PRO D 83 -25.01 13.02 -21.53
N GLU D 84 -25.62 11.85 -21.57
CA GLU D 84 -25.09 10.70 -20.84
C GLU D 84 -24.01 9.96 -21.62
N GLU D 85 -23.04 9.44 -20.89
CA GLU D 85 -22.00 8.64 -21.50
C GLU D 85 -22.13 7.27 -20.88
N ARG D 86 -22.41 6.29 -21.72
CA ARG D 86 -22.65 4.94 -21.21
C ARG D 86 -21.68 3.84 -21.65
N ILE D 87 -21.45 2.88 -20.77
CA ILE D 87 -20.59 1.75 -21.14
C ILE D 87 -21.37 0.57 -20.63
N PRO D 88 -21.15 -0.63 -21.18
CA PRO D 88 -21.91 -1.74 -20.67
C PRO D 88 -21.56 -2.07 -19.21
N LEU D 89 -22.52 -2.62 -18.48
CA LEU D 89 -22.35 -3.01 -17.08
C LEU D 89 -21.68 -4.38 -17.00
N GLU D 90 -22.07 -5.25 -17.93
CA GLU D 90 -21.54 -6.61 -18.01
C GLU D 90 -20.01 -6.60 -18.16
N GLY D 91 -19.33 -7.49 -17.45
CA GLY D 91 -17.89 -7.56 -17.55
C GLY D 91 -17.10 -6.66 -16.61
N THR D 92 -17.79 -5.93 -15.74
CA THR D 92 -17.13 -5.07 -14.77
C THR D 92 -17.10 -5.72 -13.39
N PHE D 93 -18.28 -5.88 -12.78
CA PHE D 93 -18.40 -6.60 -11.52
C PHE D 93 -18.60 -8.08 -11.81
N GLY D 94 -17.86 -8.94 -11.12
CA GLY D 94 -16.88 -8.49 -10.14
C GLY D 94 -16.08 -9.67 -9.61
N ASP D 95 -14.76 -9.51 -9.65
CA ASP D 95 -13.82 -10.50 -9.15
C ASP D 95 -13.88 -10.65 -7.62
N ARG D 96 -14.80 -9.96 -6.97
CA ARG D 96 -14.84 -9.88 -5.51
C ARG D 96 -16.21 -9.54 -4.95
N ARG D 97 -16.48 -10.02 -3.74
CA ARG D 97 -17.78 -9.83 -3.10
C ARG D 97 -17.85 -8.43 -2.49
N ASP D 98 -16.71 -7.77 -2.38
CA ASP D 98 -16.70 -6.42 -1.80
C ASP D 98 -16.23 -5.46 -2.88
N PRO D 99 -17.12 -5.11 -3.79
CA PRO D 99 -16.76 -4.22 -4.92
C PRO D 99 -16.40 -2.80 -4.56
N SER D 100 -15.69 -2.16 -5.46
CA SER D 100 -15.31 -0.77 -5.23
C SER D 100 -15.38 0.01 -6.52
N ILE D 101 -15.67 1.30 -6.39
CA ILE D 101 -15.70 2.20 -7.52
C ILE D 101 -14.67 3.25 -7.15
N THR D 102 -13.60 3.31 -7.92
CA THR D 102 -12.52 4.25 -7.59
C THR D 102 -12.46 5.29 -8.67
N ILE D 103 -12.32 6.55 -8.26
CA ILE D 103 -12.23 7.60 -9.26
C ILE D 103 -10.87 8.24 -9.03
N PHE D 104 -10.06 8.33 -10.07
CA PHE D 104 -8.76 8.99 -9.98
C PHE D 104 -8.87 10.33 -10.69
N ASP D 105 -8.56 11.41 -9.98
CA ASP D 105 -8.68 12.74 -10.61
C ASP D 105 -7.49 13.04 -11.54
N HIS D 106 -7.76 13.72 -12.65
CA HIS D 106 -6.75 14.13 -13.62
C HIS D 106 -7.20 15.56 -13.99
N PRO D 107 -6.26 16.39 -14.46
CA PRO D 107 -6.61 17.78 -14.80
C PRO D 107 -7.87 18.02 -15.62
N ASP D 108 -8.08 17.21 -16.65
CA ASP D 108 -9.22 17.40 -17.53
C ASP D 108 -10.19 16.22 -17.58
N ARG D 109 -9.92 15.17 -16.81
CA ARG D 109 -10.77 13.99 -16.91
C ARG D 109 -10.73 13.16 -15.64
N TYR D 110 -11.75 12.34 -15.45
CA TYR D 110 -11.75 11.39 -14.33
C TYR D 110 -11.52 10.00 -14.91
N GLN D 111 -10.81 9.19 -14.14
CA GLN D 111 -10.51 7.82 -14.51
C GLN D 111 -11.35 7.01 -13.56
N ILE D 112 -12.24 6.23 -14.14
CA ILE D 112 -13.14 5.41 -13.34
C ILE D 112 -12.76 3.95 -13.35
N MET D 113 -12.64 3.36 -12.17
CA MET D 113 -12.25 1.96 -12.02
C MET D 113 -13.32 1.18 -11.28
N ILE D 114 -13.49 -0.09 -11.65
CA ILE D 114 -14.40 -0.97 -10.96
C ILE D 114 -13.48 -2.07 -10.49
N ASP D 115 -13.42 -2.31 -9.18
CA ASP D 115 -12.54 -3.33 -8.64
C ASP D 115 -11.10 -3.10 -9.06
N TYR D 116 -10.75 -1.83 -9.10
CA TYR D 116 -9.43 -1.31 -9.43
C TYR D 116 -8.98 -1.56 -10.85
N LYS D 117 -9.94 -1.87 -11.71
CA LYS D 117 -9.69 -2.05 -13.13
C LYS D 117 -10.40 -0.94 -13.88
N THR D 118 -9.62 -0.19 -14.64
CA THR D 118 -10.16 0.98 -15.37
C THR D 118 -11.20 0.63 -16.39
N VAL D 119 -12.35 1.29 -16.29
CA VAL D 119 -13.44 1.02 -17.23
C VAL D 119 -13.77 2.21 -18.07
N TYR D 120 -13.36 3.42 -17.66
CA TYR D 120 -13.71 4.55 -18.52
C TYR D 120 -13.03 5.83 -18.07
N TYR D 121 -12.82 6.74 -19.03
CA TYR D 121 -12.21 8.05 -18.82
C TYR D 121 -13.29 9.01 -19.20
N TYR D 122 -13.68 9.84 -18.25
CA TYR D 122 -14.74 10.79 -18.46
C TYR D 122 -14.24 12.22 -18.48
N LYS D 123 -14.41 12.91 -19.61
CA LYS D 123 -13.95 14.26 -19.69
C LYS D 123 -14.69 15.17 -18.71
N LYS D 124 -13.95 15.97 -17.94
CA LYS D 124 -14.62 16.86 -16.99
C LYS D 124 -15.47 17.88 -17.75
N ARG D 125 -16.59 18.26 -17.15
CA ARG D 125 -17.50 19.23 -17.75
C ARG D 125 -17.75 20.47 -16.91
N LEU D 126 -17.76 20.31 -15.60
CA LEU D 126 -18.03 21.45 -14.71
C LEU D 126 -16.87 21.88 -13.87
N GLU D 127 -16.89 23.15 -13.46
CA GLU D 127 -15.81 23.70 -12.66
C GLU D 127 -15.91 23.41 -11.19
N GLY D 128 -14.76 23.45 -10.52
CA GLY D 128 -14.67 23.23 -9.08
C GLY D 128 -14.17 21.89 -8.62
N ARG D 129 -13.62 21.88 -7.42
CA ARG D 129 -13.11 20.64 -6.86
C ARG D 129 -14.20 19.88 -6.12
N CYS D 130 -14.03 18.57 -6.06
CA CYS D 130 -14.98 17.72 -5.36
C CYS D 130 -14.85 17.96 -3.88
N GLU D 131 -15.96 18.28 -3.20
CA GLU D 131 -15.95 18.53 -1.77
C GLU D 131 -16.96 17.66 -1.00
N LYS D 132 -17.83 16.94 -1.73
CA LYS D 132 -18.84 16.08 -1.10
C LYS D 132 -19.09 14.89 -2.00
N VAL D 133 -19.62 13.82 -1.42
CA VAL D 133 -19.95 12.61 -2.23
C VAL D 133 -21.32 12.11 -1.78
N SER D 134 -22.09 11.51 -2.69
CA SER D 134 -23.40 11.03 -2.26
C SER D 134 -23.60 9.63 -2.81
N TYR D 135 -24.58 8.97 -2.23
CA TYR D 135 -24.92 7.60 -2.55
C TYR D 135 -26.44 7.61 -2.53
N LYS D 136 -27.03 7.49 -3.71
CA LYS D 136 -28.46 7.69 -3.89
C LYS D 136 -29.11 6.56 -4.67
N ILE D 137 -30.41 6.39 -4.46
CA ILE D 137 -31.14 5.37 -5.20
C ILE D 137 -32.59 5.81 -5.46
N ASN D 138 -33.17 5.34 -6.55
CA ASN D 138 -34.55 5.67 -6.87
C ASN D 138 -35.55 5.07 -5.86
N GLU D 139 -36.63 5.78 -5.61
CA GLU D 139 -37.65 5.32 -4.67
C GLU D 139 -38.05 3.86 -4.77
N GLY D 140 -38.11 3.18 -3.63
CA GLY D 140 -38.52 1.77 -3.56
C GLY D 140 -37.64 0.65 -4.06
N GLN D 141 -36.40 0.97 -4.35
CA GLN D 141 -35.47 -0.03 -4.85
C GLN D 141 -34.46 -0.35 -3.77
N THR D 142 -33.75 -1.44 -3.99
CA THR D 142 -32.70 -1.87 -3.09
C THR D 142 -31.47 -1.85 -4.03
N PRO D 143 -30.32 -1.40 -3.51
CA PRO D 143 -29.09 -1.30 -4.27
C PRO D 143 -28.28 -2.56 -4.53
N PRO D 144 -27.33 -2.45 -5.45
CA PRO D 144 -26.47 -3.55 -5.78
C PRO D 144 -25.34 -3.64 -4.76
N PHE D 145 -25.17 -2.61 -3.94
CA PHE D 145 -24.12 -2.61 -2.92
C PHE D 145 -24.72 -2.62 -1.51
N SER D 146 -23.85 -2.58 -0.49
CA SER D 146 -24.31 -2.52 0.89
C SER D 146 -25.00 -1.15 1.13
N ASP D 147 -25.91 -1.06 2.11
CA ASP D 147 -26.57 0.22 2.35
C ASP D 147 -25.67 1.27 2.99
N VAL D 148 -24.44 0.85 3.24
CA VAL D 148 -23.42 1.74 3.80
C VAL D 148 -22.13 1.42 3.04
N LEU D 149 -21.47 2.47 2.63
CA LEU D 149 -20.22 2.36 1.89
C LEU D 149 -19.11 3.04 2.68
N GLY D 150 -17.91 2.50 2.57
CA GLY D 150 -16.73 3.13 3.11
C GLY D 150 -16.11 3.93 1.98
N VAL D 151 -15.90 5.21 2.21
CA VAL D 151 -15.33 6.07 1.19
C VAL D 151 -13.99 6.51 1.72
N THR D 152 -12.95 6.27 0.94
CA THR D 152 -11.60 6.63 1.33
C THR D 152 -10.96 7.55 0.29
N VAL D 153 -10.40 8.67 0.76
CA VAL D 153 -9.72 9.61 -0.13
C VAL D 153 -8.21 9.39 0.07
N LEU D 154 -7.50 9.17 -1.01
CA LEU D 154 -6.08 8.96 -0.90
C LEU D 154 -5.33 9.52 -2.08
N TYR D 155 -4.01 9.51 -1.99
CA TYR D 155 -3.18 10.05 -3.04
C TYR D 155 -2.11 9.05 -3.42
N PHE D 156 -1.64 9.15 -4.65
CA PHE D 156 -0.70 8.15 -5.15
C PHE D 156 0.46 7.96 -4.18
N ALA D 157 0.91 9.06 -3.58
CA ALA D 157 2.03 9.06 -2.63
C ALA D 157 1.81 8.49 -1.22
N ASN D 158 0.59 8.04 -0.90
CA ASN D 158 0.30 7.47 0.43
C ASN D 158 0.88 6.09 0.79
N VAL D 159 0.59 5.06 0.00
CA VAL D 159 -0.20 5.23 -1.22
C VAL D 159 -1.68 5.40 -0.88
C1 NAG E . 32.18 -27.80 14.58
C2 NAG E . 32.49 -26.42 15.17
C3 NAG E . 31.35 -25.47 14.82
C4 NAG E . 31.05 -25.49 13.32
C5 NAG E . 30.96 -26.91 12.75
C6 NAG E . 31.01 -26.83 11.22
C7 NAG E . 33.63 -26.05 17.32
C8 NAG E . 34.91 -25.90 16.57
N2 NAG E . 32.61 -26.55 16.62
O1 NAG E . 33.25 -28.73 14.85
O3 NAG E . 31.64 -24.11 15.24
O4 NAG E . 29.81 -24.84 13.07
O5 NAG E . 32.09 -27.67 13.16
O6 NAG E . 30.10 -27.80 10.69
O7 NAG E . 33.55 -25.75 18.51
C1 NAG E . 29.89 -23.92 11.98
C2 NAG E . 28.47 -23.61 11.54
C3 NAG E . 28.47 -22.44 10.53
C4 NAG E . 29.30 -21.26 11.03
C5 NAG E . 30.70 -21.73 11.46
C6 NAG E . 31.60 -20.62 12.02
C7 NAG E . 27.01 -25.64 11.65
C8 NAG E . 26.93 -25.45 13.12
N2 NAG E . 27.80 -24.79 10.96
O3 NAG E . 27.11 -22.09 10.30
O4 NAG E . 29.38 -20.31 9.96
O5 NAG E . 30.55 -22.74 12.46
O6 NAG E . 30.97 -20.14 13.21
O7 NAG E . 26.40 -26.54 11.09
C1 NAG E . 29.20 -18.95 10.37
C2 NAG E . 29.50 -18.05 9.18
C3 NAG E . 29.34 -16.58 9.59
C4 NAG E . 27.97 -16.37 10.25
C5 NAG E . 27.66 -17.40 11.33
C6 NAG E . 26.20 -17.30 11.74
C7 NAG E . 31.19 -18.61 7.52
C8 NAG E . 32.68 -18.50 7.27
N2 NAG E . 30.86 -18.34 8.77
O3 NAG E . 29.32 -15.79 8.39
O4 NAG E . 27.86 -15.04 10.78
O5 NAG E . 27.85 -18.71 10.78
O6 NAG E . 25.88 -18.40 12.58
O7 NAG E . 30.38 -18.96 6.67
C1 NAG F . -14.00 -5.22 42.21
C2 NAG F . -14.50 -6.39 41.36
C3 NAG F . -14.07 -6.21 39.91
C4 NAG F . -14.42 -4.82 39.39
C5 NAG F . -13.85 -3.77 40.34
C6 NAG F . -14.21 -2.37 39.87
C7 NAG F . -14.52 -8.35 42.79
C8 NAG F . -13.59 -9.09 43.70
N2 NAG F . -13.93 -7.64 41.84
O1 NAG F . -14.51 -5.35 43.54
O3 NAG F . -14.73 -7.19 39.10
O4 NAG F . -13.81 -4.70 38.10
O5 NAG F . -14.40 -3.97 41.64
O6 NAG F . -13.80 -1.41 40.85
O7 NAG F . -15.72 -8.40 42.91
C1 NAG F . -14.67 -4.07 37.15
C2 NAG F . -13.78 -3.49 36.05
C3 NAG F . -14.53 -3.23 34.74
C4 NAG F . -15.41 -4.42 34.37
C5 NAG F . -16.34 -4.67 35.56
C6 NAG F . -17.35 -5.76 35.24
C7 NAG F . -12.00 -2.27 37.17
C8 NAG F . -11.57 -3.60 37.71
N2 NAG F . -13.15 -2.26 36.48
O3 NAG F . -13.59 -2.99 33.69
O4 NAG F . -16.14 -4.11 33.19
O5 NAG F . -15.51 -5.12 36.63
O6 NAG F . -16.69 -7.02 35.08
O7 NAG F . -11.34 -1.25 37.33
C1 NAG F . -16.20 -5.21 32.29
C2 NAG F . -17.35 -4.96 31.33
C3 NAG F . -17.40 -5.93 30.16
C4 NAG F . -16.01 -6.10 29.54
C5 NAG F . -14.99 -6.36 30.63
C6 NAG F . -13.59 -6.53 30.04
C7 NAG F . -19.41 -3.82 31.86
C8 NAG F . -20.79 -3.97 32.43
N2 NAG F . -18.61 -4.87 32.03
O3 NAG F . -18.29 -5.42 29.16
O4 NAG F . -16.04 -7.22 28.64
O5 NAG F . -14.99 -5.24 31.52
O6 NAG F . -12.63 -6.59 31.09
O7 NAG F . -19.05 -2.80 31.30
C1 NAG G . 18.79 23.39 -33.13
C2 NAG G . 19.16 22.01 -33.68
C3 NAG G . 18.65 20.97 -32.67
C4 NAG G . 19.24 21.14 -31.29
C5 NAG G . 18.93 22.59 -30.86
C6 NAG G . 19.53 23.03 -29.52
C7 NAG G . 19.08 22.06 -36.13
C8 NAG G . 19.04 20.96 -37.15
N2 NAG G . 18.51 21.78 -34.95
O1 NAG G . 19.20 24.47 -34.00
O3 NAG G . 18.86 19.63 -33.13
O4 NAG G . 18.56 20.20 -30.45
O5 NAG G . 19.41 23.49 -31.85
O6 NAG G . 20.05 21.94 -28.75
O7 NAG G . 19.58 23.15 -36.37
C1 NAG G . 19.31 19.32 -29.62
C2 NAG G . 18.41 19.13 -28.40
C3 NAG G . 18.90 17.96 -27.53
C4 NAG G . 19.01 16.66 -28.31
C5 NAG G . 19.97 16.99 -29.47
C6 NAG G . 20.18 15.79 -30.36
C7 NAG G . 17.43 21.33 -27.71
C8 NAG G . 16.29 21.12 -28.67
N2 NAG G . 18.37 20.37 -27.65
O3 NAG G . 18.01 17.82 -26.45
O4 NAG G . 19.61 15.68 -27.45
O5 NAG G . 19.47 18.07 -30.29
O6 NAG G . 18.90 15.21 -30.57
O7 NAG G . 17.52 22.34 -27.01
C1 NAG G . 19.02 14.37 -27.46
C2 NAG G . 19.90 13.38 -26.69
C3 NAG G . 19.24 12.01 -26.68
C4 NAG G . 17.75 12.02 -26.38
C5 NAG G . 17.03 13.17 -27.04
C6 NAG G . 15.65 13.33 -26.46
C7 NAG G . 22.36 13.59 -26.65
C8 NAG G . 23.63 13.42 -27.44
N2 NAG G . 21.23 13.30 -27.30
O3 NAG G . 19.87 11.15 -25.75
O4 NAG G . 17.22 10.77 -26.82
O5 NAG G . 17.73 14.40 -26.84
O6 NAG G . 14.94 14.37 -27.13
O7 NAG G . 22.37 13.96 -25.48
C1 NAG H . -37.00 10.41 -23.68
C2 NAG H . -36.51 11.66 -22.94
C3 NAG H . -35.15 11.45 -22.29
C4 NAG H . -35.11 10.13 -21.53
C5 NAG H . -35.49 9.02 -22.50
C6 NAG H . -35.38 7.66 -21.83
C7 NAG H . -36.75 14.02 -23.49
C8 NAG H . -36.01 15.11 -24.22
N2 NAG H . -36.44 12.77 -23.87
O1 NAG H . -38.38 10.58 -24.04
O3 NAG H . -34.89 12.52 -21.37
O4 NAG H . -33.78 9.93 -21.05
O5 NAG H . -36.84 9.23 -22.89
O6 NAG H . -35.92 6.66 -22.69
O7 NAG H . -37.57 14.25 -22.62
C1 NAG H . -33.79 9.36 -19.74
C2 NAG H . -32.50 8.57 -19.53
C3 NAG H . -32.25 8.24 -18.06
C4 NAG H . -32.44 9.47 -17.19
C5 NAG H . -33.82 10.04 -17.46
C6 NAG H . -34.09 11.25 -16.58
C7 NAG H . -32.06 7.24 -21.54
C8 NAG H . -31.57 8.52 -22.14
N2 NAG H . -32.53 7.33 -20.29
O3 NAG H . -30.92 7.74 -17.90
O4 NAG H . -32.31 9.09 -15.82
O5 NAG H . -33.82 10.47 -18.82
O6 NAG H . -33.15 12.29 -16.86
O7 NAG H . -32.03 6.18 -22.13
C1 NAG H . -31.56 10.05 -15.07
C2 NAG H . -31.85 9.82 -13.59
C3 NAG H . -30.97 10.66 -12.69
C4 NAG H . -29.50 10.60 -13.13
C5 NAG H . -29.41 10.83 -14.64
C6 NAG H . -27.96 10.74 -15.11
C7 NAG H . -33.96 9.04 -12.67
C8 NAG H . -35.36 9.43 -12.29
N2 NAG H . -33.26 9.99 -13.30
O3 NAG H . -31.07 10.18 -11.34
O4 NAG H . -28.76 11.61 -12.46
O5 NAG H . -30.18 9.82 -15.30
O6 NAG H . -27.91 10.78 -16.54
O7 NAG H . -33.50 7.94 -12.44
#